data_8XIO
#
_entry.id   8XIO
#
loop_
_entity.id
_entity.type
_entity.pdbx_description
1 polymer 'Somatostatin receptor type 1'
2 polymer G-alpha-i
3 polymer 'Guanine nucleotide-binding protein G(I)/G(S)/G(T) subunit beta-1'
4 polymer 'nanobody Nb35'
5 polymer 'Guanine nucleotide-binding protein G(I)/G(S)/G(O) subunit gamma-2'
6 non-polymer (2~{S})-~{N}-[(4~{S})-6-azanyl-2,2,4-trimethyl-hexyl]-3-naphthalen-1-yl-2-[[2-phenylethyl(2-pyridin-2-ylethyl)carbamoyl]amino]propanamide
7 water water
#
loop_
_entity_poly.entity_id
_entity_poly.type
_entity_poly.pdbx_seq_one_letter_code
_entity_poly.pdbx_strand_id
1 'polypeptide(L)'
;MFPNGTASSPSSSPSPSPGSCGEGGGSRGPGAGAADGMEEPGRNASQNGTLSEGQGSAILISFIYSVVCLVGLCGNSMVI
YVILRYAKMKTATNIYILNLAIADELLMLSVPFLVTSTLLRHWPFGALLCRLVLSVDAVNMFTSIYCLTVLSVDRYVAVV
HPIKAARYRRPTVAKVVNLGVWVLSLLVILPIVVFSRTAANSDGTVACNMLMPEPAQRWLVGFVLYTFLMGFLLPVGAIC
LCYVLIIAKMRMVALKAGWQQRKRSERKITLMVMMYVMVFVICWMPFYVVQLVNVFAEQDDATVSQLSVILGYANSCANP
ILYGFLSDNFKRSFQRILCLSWMDNAAEEPVDYYATALKSRAYSVEDFQPENLESGGVFRNGTCTSRITTL
;
A
2 'polypeptide(L)'
;MGCTLSAEDKAAVERSKMIEKQLQKDKQVYRATHRLLLLGADNSGKSTIVKQMRIYHVNGYSEEECKQYKAVVYSNTIQS
IIAIIRAMGRLKIDFGDSARADDARQLFVLAGAAEEGFMTAELAGVIKRLWKDSGVQACFNRSREYQLNDSAAYYLNDLD
RIAQPNYIPTQQDVLRTRVKTSGIFETKFQVDKVNFHMFDVGAQRDERRKWIQCFNDVTAIIFVVDSSDYNRLQEALNDF
KSIWNNRWLRTISVILFLNKQDLLAEKVLAGKSKIEDYFPEFARYTTPEDATPEPGEDPRVTRAKYFIRDEFLRISTASG
DGRHYCYPHFTCSVDTENARRIFNDVTDIIIKMNLRDCGLF
;
B
3 'polypeptide(L)'
;MHHHHHHGSLLQSELDQLRQEAEQLKNQIRDARKACADATLSQITNNIDPVGRIQMRTRRTLRGHLAKIYAMHWGTDSRL
LVSASQDGKLIIWDSYTTNKVHAIPLRSSWVMTCAYAPSGNYVACGGLDNICSIYNLKTREGNVRVSRELAGHTGYLSCC
RFLDDNQIVTSSGDTTCALWDIETGQQTTTFTGHTGDVMSLSLAPDTRLFVSGACDASAKLWDVREGMCRQTFTGHESDI
NAICFFPNGNAFATGSDDATCRLFDLRADQELMTYSHDNIICGITSVSFSKSGRLLLAGYDDFNCNVWDALKADRAGVLA
GHDNRVSCLGVTDDGMAVATGSWDSFLKIWN
;
C
4 'polypeptide(L)'
;MKYLLPTAAAGLLLLAAQPAMAQVQLQESGGGLVQPGGSLRLSCAASGFTFSNYKMNWVRQAPGKGLEWVSDISQSGASI
SYTGSVKGRFTISRDNAKNTLYLQMNSLKPEDTAVYYCARCPAPFTRDCFDVTSTTYAYRGQGTQVTVSSHHHHHH
;
D
5 'polypeptide(L)' MASNNTASIAQARKLVEQLKMEANIDRIKVSKAAADLMAYCEAHAKEDPLLTPVPASENPFREKKFFCAIL G
#
# COMPACT_ATOMS: atom_id res chain seq x y z
N GLU A 53 12.37 35.36 -53.24
CA GLU A 53 12.63 34.59 -52.04
C GLU A 53 11.34 34.34 -51.25
N GLY A 54 10.22 34.82 -51.80
CA GLY A 54 8.95 34.64 -51.12
C GLY A 54 8.43 33.22 -51.20
N GLN A 55 8.57 32.58 -52.36
CA GLN A 55 8.08 31.22 -52.54
C GLN A 55 8.82 30.24 -51.64
N GLY A 56 10.16 30.32 -51.61
CA GLY A 56 10.92 29.43 -50.75
C GLY A 56 10.64 29.66 -49.28
N SER A 57 10.50 30.92 -48.88
CA SER A 57 10.17 31.23 -47.49
C SER A 57 8.80 30.67 -47.12
N ALA A 58 7.82 30.79 -48.03
CA ALA A 58 6.50 30.25 -47.76
C ALA A 58 6.53 28.73 -47.66
N ILE A 59 7.32 28.08 -48.53
CA ILE A 59 7.44 26.62 -48.48
C ILE A 59 8.07 26.19 -47.17
N LEU A 60 9.12 26.89 -46.74
CA LEU A 60 9.76 26.56 -45.47
C LEU A 60 8.82 26.76 -44.29
N ILE A 61 8.05 27.86 -44.31
CA ILE A 61 7.12 28.14 -43.23
C ILE A 61 6.03 27.07 -43.19
N SER A 62 5.54 26.64 -44.35
CA SER A 62 4.55 25.57 -44.40
C SER A 62 5.11 24.23 -43.92
N PHE A 63 6.36 23.92 -44.28
CA PHE A 63 6.97 22.69 -43.78
C PHE A 63 7.13 22.72 -42.26
N ILE A 64 7.53 23.88 -41.72
CA ILE A 64 7.65 24.00 -40.27
C ILE A 64 6.28 23.86 -39.61
N TYR A 65 5.24 24.46 -40.19
CA TYR A 65 3.89 24.30 -39.67
C TYR A 65 3.49 22.83 -39.66
N SER A 66 3.75 22.12 -40.77
CA SER A 66 3.38 20.71 -40.85
C SER A 66 4.13 19.88 -39.81
N VAL A 67 5.43 20.13 -39.63
CA VAL A 67 6.21 19.37 -38.66
C VAL A 67 5.70 19.63 -37.25
N VAL A 68 5.45 20.90 -36.91
CA VAL A 68 4.95 21.23 -35.58
C VAL A 68 3.58 20.60 -35.36
N CYS A 69 2.72 20.62 -36.38
CA CYS A 69 1.39 20.02 -36.26
C CYS A 69 1.49 18.52 -36.03
N LEU A 70 2.35 17.83 -36.77
CA LEU A 70 2.51 16.39 -36.58
C LEU A 70 3.03 16.07 -35.20
N VAL A 71 4.05 16.80 -34.74
CA VAL A 71 4.62 16.57 -33.42
C VAL A 71 3.57 16.79 -32.34
N GLY A 72 2.80 17.85 -32.47
CA GLY A 72 1.77 18.14 -31.47
C GLY A 72 0.67 17.11 -31.46
N LEU A 73 0.22 16.68 -32.65
CA LEU A 73 -0.80 15.65 -32.73
C LEU A 73 -0.31 14.35 -32.09
N CYS A 74 0.92 13.94 -32.41
CA CYS A 74 1.49 12.74 -31.82
C CYS A 74 1.56 12.83 -30.30
N GLY A 75 2.11 13.93 -29.79
CA GLY A 75 2.23 14.13 -28.36
C GLY A 75 0.89 14.13 -27.64
N ASN A 76 -0.08 14.88 -28.16
CA ASN A 76 -1.39 14.93 -27.55
C ASN A 76 -2.11 13.59 -27.59
N SER A 77 -2.02 12.86 -28.72
CA SER A 77 -2.61 11.53 -28.79
C SER A 77 -1.98 10.57 -27.80
N MET A 78 -0.65 10.58 -27.67
CA MET A 78 0.00 9.71 -26.69
C MET A 78 -0.40 10.07 -25.26
N VAL A 79 -0.46 11.36 -24.94
CA VAL A 79 -0.86 11.77 -23.60
C VAL A 79 -2.29 11.36 -23.30
N ILE A 80 -3.21 11.58 -24.24
CA ILE A 80 -4.60 11.20 -24.04
C ILE A 80 -4.74 9.69 -23.90
N TYR A 81 -3.97 8.94 -24.67
CA TYR A 81 -3.99 7.48 -24.57
C TYR A 81 -3.51 7.03 -23.20
N VAL A 82 -2.43 7.62 -22.71
CA VAL A 82 -1.87 7.26 -21.41
C VAL A 82 -2.87 7.61 -20.31
N ILE A 83 -3.58 8.72 -20.46
CA ILE A 83 -4.49 9.18 -19.42
C ILE A 83 -5.75 8.32 -19.38
N LEU A 84 -6.38 8.12 -20.55
CA LEU A 84 -7.70 7.49 -20.57
C LEU A 84 -7.59 5.97 -20.59
N ARG A 85 -6.79 5.41 -21.49
CA ARG A 85 -6.77 3.97 -21.69
C ARG A 85 -6.21 3.24 -20.47
N TYR A 86 -5.22 3.83 -19.80
CA TYR A 86 -4.60 3.20 -18.64
C TYR A 86 -5.43 3.41 -17.38
N ALA A 87 -6.60 4.04 -17.52
CA ALA A 87 -7.49 4.30 -16.40
C ALA A 87 -6.77 5.01 -15.26
N LYS A 88 -6.28 6.22 -15.51
CA LYS A 88 -5.50 6.97 -14.53
C LYS A 88 -6.10 8.36 -14.34
N MET A 89 -7.43 8.38 -14.14
CA MET A 89 -8.17 9.62 -13.91
C MET A 89 -8.83 9.51 -12.53
N LYS A 90 -8.12 9.96 -11.50
CA LYS A 90 -8.62 9.94 -10.13
C LYS A 90 -8.44 11.25 -9.39
N THR A 91 -7.53 12.12 -9.81
CA THR A 91 -7.26 13.37 -9.14
C THR A 91 -7.58 14.54 -10.07
N ALA A 92 -7.64 15.74 -9.48
CA ALA A 92 -7.95 16.94 -10.26
C ALA A 92 -6.81 17.27 -11.22
N THR A 93 -5.57 16.96 -10.84
CA THR A 93 -4.43 17.24 -11.71
C THR A 93 -4.52 16.44 -13.01
N ASN A 94 -4.92 15.18 -12.91
CA ASN A 94 -5.06 14.36 -14.11
C ASN A 94 -6.15 14.91 -15.02
N ILE A 95 -7.26 15.39 -14.45
CA ILE A 95 -8.33 15.95 -15.25
C ILE A 95 -7.88 17.24 -15.93
N TYR A 96 -7.11 18.06 -15.20
CA TYR A 96 -6.58 19.28 -15.79
C TYR A 96 -5.61 18.98 -16.92
N ILE A 97 -4.75 17.99 -16.76
CA ILE A 97 -3.82 17.62 -17.82
C ILE A 97 -4.57 17.06 -19.02
N LEU A 98 -5.65 16.30 -18.76
CA LEU A 98 -6.46 15.78 -19.86
C LEU A 98 -7.12 16.90 -20.64
N ASN A 99 -7.65 17.90 -19.94
CA ASN A 99 -8.26 19.04 -20.61
C ASN A 99 -7.22 19.83 -21.40
N LEU A 100 -6.02 19.97 -20.84
CA LEU A 100 -4.94 20.64 -21.55
C LEU A 100 -4.59 19.88 -22.83
N ALA A 101 -4.51 18.55 -22.75
CA ALA A 101 -4.21 17.75 -23.93
C ALA A 101 -5.32 17.86 -24.97
N ILE A 102 -6.57 17.91 -24.51
CA ILE A 102 -7.70 18.06 -25.43
C ILE A 102 -7.60 19.39 -26.16
N ALA A 103 -7.31 20.47 -25.43
CA ALA A 103 -7.18 21.78 -26.05
C ALA A 103 -6.02 21.82 -27.04
N ASP A 104 -4.89 21.19 -26.68
CA ASP A 104 -3.74 21.17 -27.58
C ASP A 104 -4.05 20.36 -28.83
N GLU A 105 -4.76 19.24 -28.69
CA GLU A 105 -5.12 18.45 -29.85
C GLU A 105 -6.09 19.20 -30.76
N LEU A 106 -7.03 19.94 -30.17
CA LEU A 106 -7.95 20.73 -30.97
C LEU A 106 -7.23 21.88 -31.67
N LEU A 107 -6.18 22.42 -31.06
CA LEU A 107 -5.36 23.42 -31.74
C LEU A 107 -4.58 22.82 -32.90
N MET A 108 -3.95 21.66 -32.69
CA MET A 108 -3.19 21.00 -33.74
C MET A 108 -4.08 20.40 -34.82
N LEU A 109 -5.38 20.25 -34.57
CA LEU A 109 -6.30 19.84 -35.62
C LEU A 109 -6.74 21.02 -36.47
N SER A 110 -6.66 22.23 -35.95
CA SER A 110 -6.96 23.44 -36.71
C SER A 110 -5.74 24.02 -37.40
N VAL A 111 -4.53 23.69 -36.93
CA VAL A 111 -3.31 24.13 -37.61
C VAL A 111 -3.29 23.75 -39.08
N PRO A 112 -3.65 22.54 -39.49
CA PRO A 112 -3.64 22.22 -40.93
C PRO A 112 -4.58 23.10 -41.74
N PHE A 113 -5.69 23.56 -41.18
CA PHE A 113 -6.53 24.51 -41.88
C PHE A 113 -5.76 25.80 -42.16
N LEU A 114 -5.00 26.28 -41.18
CA LEU A 114 -4.20 27.49 -41.37
C LEU A 114 -3.11 27.27 -42.42
N VAL A 115 -2.46 26.10 -42.40
CA VAL A 115 -1.39 25.88 -43.37
C VAL A 115 -1.96 25.73 -44.77
N THR A 116 -3.14 25.12 -44.92
CA THR A 116 -3.76 25.05 -46.24
C THR A 116 -4.25 26.40 -46.70
N SER A 117 -4.65 27.27 -45.77
CA SER A 117 -5.06 28.62 -46.15
C SER A 117 -3.86 29.46 -46.57
N THR A 118 -2.71 29.28 -45.93
CA THR A 118 -1.52 30.06 -46.27
C THR A 118 -0.74 29.48 -47.43
N LEU A 119 -0.99 28.22 -47.81
CA LEU A 119 -0.31 27.65 -48.97
C LEU A 119 -0.75 28.29 -50.29
N LEU A 120 -1.92 28.94 -50.31
CA LEU A 120 -2.43 29.56 -51.53
C LEU A 120 -2.87 31.01 -51.33
N ARG A 121 -2.63 31.58 -50.14
CA ARG A 121 -2.85 32.99 -49.81
C ARG A 121 -4.33 33.38 -49.75
N HIS A 122 -5.26 32.46 -50.04
CA HIS A 122 -6.68 32.78 -49.95
C HIS A 122 -7.41 31.80 -49.06
N TRP A 123 -8.74 31.89 -49.03
CA TRP A 123 -9.57 31.06 -48.16
C TRP A 123 -10.76 30.54 -48.96
N PRO A 124 -10.63 29.36 -49.58
CA PRO A 124 -11.71 28.79 -50.39
C PRO A 124 -12.68 27.94 -49.57
N PHE A 125 -13.22 28.52 -48.51
CA PHE A 125 -14.14 27.80 -47.63
C PHE A 125 -15.38 28.59 -47.23
N GLY A 126 -15.40 29.90 -47.43
CA GLY A 126 -16.54 30.72 -47.08
C GLY A 126 -16.31 31.55 -45.82
N ALA A 127 -17.28 32.40 -45.53
CA ALA A 127 -17.18 33.29 -44.37
C ALA A 127 -17.56 32.57 -43.08
N LEU A 128 -18.66 31.82 -43.10
CA LEU A 128 -19.08 31.10 -41.89
C LEU A 128 -18.04 30.07 -41.48
N LEU A 129 -17.43 29.40 -42.46
CA LEU A 129 -16.40 28.42 -42.14
C LEU A 129 -15.17 29.08 -41.53
N CYS A 130 -14.78 30.25 -42.05
CA CYS A 130 -13.65 30.97 -41.45
C CYS A 130 -13.98 31.40 -40.02
N ARG A 131 -15.20 31.92 -39.81
CA ARG A 131 -15.61 32.31 -38.47
C ARG A 131 -15.56 31.13 -37.52
N LEU A 132 -16.05 29.97 -37.95
CA LEU A 132 -16.04 28.79 -37.10
C LEU A 132 -14.61 28.33 -36.79
N VAL A 133 -13.74 28.31 -37.79
CA VAL A 133 -12.36 27.86 -37.56
C VAL A 133 -11.65 28.81 -36.60
N LEU A 134 -11.82 30.12 -36.82
CA LEU A 134 -11.18 31.09 -35.93
C LEU A 134 -11.72 31.02 -34.52
N SER A 135 -13.04 30.87 -34.37
CA SER A 135 -13.64 30.71 -33.05
C SER A 135 -13.14 29.47 -32.33
N VAL A 136 -13.06 28.34 -33.02
CA VAL A 136 -12.51 27.13 -32.41
C VAL A 136 -11.04 27.29 -32.02
N ASP A 137 -10.24 27.92 -32.88
CA ASP A 137 -8.84 28.20 -32.60
C ASP A 137 -8.73 29.00 -31.36
N ALA A 138 -9.46 30.08 -31.30
CA ALA A 138 -9.39 31.02 -30.18
C ALA A 138 -9.85 30.38 -28.89
N VAL A 139 -10.95 29.62 -28.92
CA VAL A 139 -11.46 29.03 -27.69
C VAL A 139 -10.50 27.96 -27.18
N ASN A 140 -9.84 27.24 -28.10
CA ASN A 140 -8.85 26.25 -27.66
C ASN A 140 -7.63 26.92 -27.04
N MET A 141 -7.12 27.98 -27.68
CA MET A 141 -5.98 28.69 -27.12
C MET A 141 -6.30 29.25 -25.73
N PHE A 142 -7.45 29.89 -25.59
CA PHE A 142 -7.81 30.48 -24.30
C PHE A 142 -8.09 29.41 -23.25
N THR A 143 -8.72 28.30 -23.64
CA THR A 143 -8.94 27.20 -22.70
C THR A 143 -7.61 26.62 -22.22
N SER A 144 -6.62 26.51 -23.12
CA SER A 144 -5.31 26.01 -22.70
C SER A 144 -4.63 26.97 -21.75
N ILE A 145 -4.60 28.27 -22.10
CA ILE A 145 -3.89 29.23 -21.27
C ILE A 145 -4.62 29.46 -19.95
N TYR A 146 -5.90 29.11 -19.88
CA TYR A 146 -6.64 29.21 -18.63
C TYR A 146 -6.52 27.96 -17.78
N CYS A 147 -6.50 26.77 -18.39
CA CYS A 147 -6.28 25.53 -17.66
C CYS A 147 -4.87 25.39 -17.14
N LEU A 148 -3.89 26.04 -17.77
CA LEU A 148 -2.56 26.10 -17.17
C LEU A 148 -2.56 26.92 -15.88
N THR A 149 -3.20 28.08 -15.89
CA THR A 149 -3.29 28.90 -14.68
C THR A 149 -4.12 28.20 -13.62
N VAL A 150 -5.18 27.49 -14.02
CA VAL A 150 -6.00 26.76 -13.05
C VAL A 150 -5.18 25.64 -12.41
N LEU A 151 -4.39 24.94 -13.20
CA LEU A 151 -3.53 23.90 -12.63
C LEU A 151 -2.48 24.49 -11.70
N SER A 152 -1.93 25.65 -12.07
CA SER A 152 -0.96 26.31 -11.19
C SER A 152 -1.60 26.71 -9.87
N VAL A 153 -2.82 27.25 -9.92
CA VAL A 153 -3.51 27.65 -8.69
C VAL A 153 -3.86 26.42 -7.85
N ASP A 154 -4.23 25.31 -8.51
CA ASP A 154 -4.52 24.08 -7.78
C ASP A 154 -3.28 23.56 -7.07
N ARG A 155 -2.13 23.59 -7.75
CA ARG A 155 -0.88 23.17 -7.12
C ARG A 155 -0.52 24.11 -5.97
N TYR A 156 -0.75 25.41 -6.14
CA TYR A 156 -0.51 26.36 -5.06
C TYR A 156 -1.36 26.05 -3.83
N VAL A 157 -2.65 25.78 -4.04
CA VAL A 157 -3.54 25.44 -2.92
C VAL A 157 -3.10 24.13 -2.27
N ALA A 158 -2.70 23.15 -3.09
CA ALA A 158 -2.26 21.85 -2.56
C ALA A 158 -1.00 22.00 -1.71
N VAL A 159 0.00 22.72 -2.01
CA VAL A 159 1.15 22.69 -1.16
C VAL A 159 1.00 23.67 -0.04
N VAL A 160 0.18 24.96 -0.30
CA VAL A 160 0.37 25.93 0.77
C VAL A 160 -0.82 25.94 1.73
N HIS A 161 -1.94 25.46 1.34
CA HIS A 161 -3.11 25.44 2.17
C HIS A 161 -3.54 24.00 2.10
N PRO A 162 -2.78 23.06 2.70
CA PRO A 162 -3.11 21.68 2.47
C PRO A 162 -4.35 21.23 3.19
N ILE A 163 -4.79 22.21 4.06
CA ILE A 163 -6.05 21.80 4.67
C ILE A 163 -7.21 21.97 3.71
N LYS A 164 -7.55 23.20 3.39
CA LYS A 164 -8.66 23.48 2.50
C LYS A 164 -8.60 22.77 1.18
N ALA A 165 -7.50 22.13 0.87
CA ALA A 165 -7.34 21.45 -0.38
C ALA A 165 -8.08 20.20 -0.44
N ALA A 166 -7.92 19.38 0.57
CA ALA A 166 -8.50 18.05 0.60
C ALA A 166 -9.95 18.14 0.34
N ARG A 167 -10.42 19.36 0.37
CA ARG A 167 -11.86 19.54 0.26
C ARG A 167 -12.30 19.99 -1.13
N TYR A 168 -11.39 20.54 -1.93
CA TYR A 168 -11.75 21.08 -3.24
C TYR A 168 -11.26 20.24 -4.41
N ARG A 169 -10.43 19.21 -4.18
CA ARG A 169 -9.92 18.39 -5.26
C ARG A 169 -10.83 17.22 -5.62
N ARG A 170 -12.12 17.30 -5.31
CA ARG A 170 -13.04 16.24 -5.70
C ARG A 170 -13.23 16.24 -7.22
N PRO A 171 -13.52 15.07 -7.82
CA PRO A 171 -13.68 15.03 -9.28
C PRO A 171 -14.80 15.90 -9.80
N THR A 172 -15.92 15.95 -9.07
CA THR A 172 -17.03 16.81 -9.49
C THR A 172 -16.62 18.28 -9.50
N VAL A 173 -15.85 18.71 -8.49
CA VAL A 173 -15.36 20.08 -8.46
C VAL A 173 -14.43 20.34 -9.63
N ALA A 174 -13.60 19.36 -9.98
CA ALA A 174 -12.70 19.53 -11.12
C ALA A 174 -13.48 19.66 -12.43
N LYS A 175 -14.53 18.85 -12.59
CA LYS A 175 -15.36 18.95 -13.79
C LYS A 175 -16.07 20.28 -13.86
N VAL A 176 -16.57 20.77 -12.73
CA VAL A 176 -17.23 22.08 -12.70
C VAL A 176 -16.24 23.18 -13.04
N VAL A 177 -15.00 23.06 -12.55
CA VAL A 177 -13.98 24.08 -12.85
C VAL A 177 -13.63 24.05 -14.32
N ASN A 178 -13.52 22.85 -14.91
CA ASN A 178 -13.23 22.76 -16.34
C ASN A 178 -14.36 23.35 -17.17
N LEU A 179 -15.61 23.07 -16.80
CA LEU A 179 -16.74 23.65 -17.53
C LEU A 179 -16.75 25.17 -17.40
N GLY A 180 -16.44 25.68 -16.20
CA GLY A 180 -16.38 27.13 -16.03
C GLY A 180 -15.26 27.76 -16.84
N VAL A 181 -14.13 27.06 -16.95
CA VAL A 181 -13.03 27.55 -17.77
C VAL A 181 -13.42 27.60 -19.24
N TRP A 182 -14.12 26.56 -19.72
CA TRP A 182 -14.59 26.57 -21.10
C TRP A 182 -15.58 27.70 -21.34
N VAL A 183 -16.49 27.92 -20.39
CA VAL A 183 -17.48 28.99 -20.53
C VAL A 183 -16.79 30.35 -20.54
N LEU A 184 -15.80 30.55 -19.66
CA LEU A 184 -15.07 31.80 -19.64
C LEU A 184 -14.28 32.02 -20.92
N SER A 185 -13.68 30.96 -21.46
CA SER A 185 -12.98 31.08 -22.75
C SER A 185 -13.94 31.49 -23.85
N LEU A 186 -15.13 30.87 -23.87
CA LEU A 186 -16.14 31.24 -24.87
C LEU A 186 -16.55 32.70 -24.72
N LEU A 187 -16.77 33.15 -23.48
CA LEU A 187 -17.15 34.53 -23.25
C LEU A 187 -16.05 35.49 -23.69
N VAL A 188 -14.78 35.11 -23.46
CA VAL A 188 -13.68 35.97 -23.86
C VAL A 188 -13.54 36.03 -25.38
N ILE A 189 -13.78 34.91 -26.07
CA ILE A 189 -13.65 34.89 -27.53
C ILE A 189 -14.91 35.39 -28.25
N LEU A 190 -16.01 35.63 -27.52
CA LEU A 190 -17.24 36.16 -28.11
C LEU A 190 -17.02 37.32 -29.07
N PRO A 191 -16.21 38.34 -28.72
CA PRO A 191 -15.96 39.39 -29.72
C PRO A 191 -15.20 38.90 -30.94
N ILE A 192 -14.25 37.98 -30.76
CA ILE A 192 -13.52 37.43 -31.89
C ILE A 192 -14.45 36.68 -32.83
N VAL A 193 -15.51 36.08 -32.29
CA VAL A 193 -16.45 35.34 -33.12
C VAL A 193 -17.25 36.31 -33.99
N VAL A 194 -17.70 37.43 -33.41
CA VAL A 194 -18.59 38.33 -34.14
C VAL A 194 -17.82 39.31 -35.03
N PHE A 195 -16.54 39.55 -34.76
CA PHE A 195 -15.78 40.51 -35.55
C PHE A 195 -14.94 39.87 -36.65
N SER A 196 -14.60 38.59 -36.54
CA SER A 196 -13.83 37.94 -37.58
C SER A 196 -14.71 37.63 -38.78
N ARG A 197 -14.20 37.94 -39.97
CA ARG A 197 -14.95 37.75 -41.21
C ARG A 197 -13.96 37.40 -42.32
N THR A 198 -14.43 37.49 -43.56
CA THR A 198 -13.59 37.30 -44.74
C THR A 198 -13.60 38.56 -45.57
N ALA A 199 -12.47 38.86 -46.21
CA ALA A 199 -12.31 40.06 -47.01
C ALA A 199 -11.78 39.69 -48.38
N ALA A 200 -12.36 40.29 -49.42
CA ALA A 200 -11.91 40.07 -50.79
C ALA A 200 -10.87 41.11 -51.15
N ASN A 201 -9.70 40.65 -51.63
CA ASN A 201 -8.61 41.53 -51.97
C ASN A 201 -8.84 42.15 -53.35
N SER A 202 -7.85 42.93 -53.81
CA SER A 202 -7.98 43.59 -55.10
C SER A 202 -7.87 42.60 -56.26
N ASP A 203 -7.20 41.48 -55.98
CA ASP A 203 -6.99 40.43 -56.99
C ASP A 203 -8.05 39.34 -56.95
N GLY A 204 -9.14 39.59 -56.27
CA GLY A 204 -10.23 38.65 -56.21
C GLY A 204 -10.10 37.59 -55.14
N THR A 205 -8.96 37.51 -54.45
CA THR A 205 -8.76 36.50 -53.42
C THR A 205 -9.50 36.89 -52.15
N VAL A 206 -10.10 35.88 -51.50
CA VAL A 206 -10.84 36.05 -50.27
C VAL A 206 -10.03 35.43 -49.13
N ALA A 207 -9.70 36.24 -48.13
CA ALA A 207 -8.87 35.79 -47.01
C ALA A 207 -9.55 36.08 -45.68
N CYS A 208 -9.20 35.28 -44.68
CA CYS A 208 -9.68 35.46 -43.31
C CYS A 208 -9.09 36.73 -42.73
N ASN A 209 -9.94 37.53 -42.07
CA ASN A 209 -9.47 38.74 -41.40
C ASN A 209 -10.37 39.05 -40.21
N MET A 210 -10.17 40.21 -39.59
CA MET A 210 -11.04 40.66 -38.50
C MET A 210 -11.49 42.07 -38.84
N LEU A 211 -12.64 42.18 -39.53
CA LEU A 211 -13.13 43.46 -40.01
C LEU A 211 -14.13 44.01 -39.00
N MET A 212 -13.85 45.20 -38.49
CA MET A 212 -14.73 45.85 -37.53
C MET A 212 -15.48 46.97 -38.22
N PRO A 213 -16.79 47.12 -38.00
CA PRO A 213 -17.52 48.20 -38.70
C PRO A 213 -17.06 49.59 -38.32
N GLU A 214 -16.94 49.88 -37.02
CA GLU A 214 -16.44 51.17 -36.59
C GLU A 214 -14.97 51.31 -36.98
N PRO A 215 -14.52 52.55 -37.26
CA PRO A 215 -13.09 52.79 -37.54
C PRO A 215 -12.16 52.04 -36.60
N ALA A 216 -11.19 51.31 -37.16
CA ALA A 216 -10.36 50.39 -36.41
C ALA A 216 -9.30 51.12 -35.58
N GLN A 217 -9.05 52.40 -35.87
CA GLN A 217 -8.00 53.16 -35.21
C GLN A 217 -8.25 53.33 -33.71
N ARG A 218 -9.42 52.96 -33.21
CA ARG A 218 -9.72 53.00 -31.78
C ARG A 218 -10.08 51.63 -31.21
N TRP A 219 -10.77 50.79 -31.99
CA TRP A 219 -11.19 49.49 -31.48
C TRP A 219 -10.09 48.45 -31.60
N LEU A 220 -9.22 48.56 -32.62
CA LEU A 220 -8.20 47.55 -32.82
C LEU A 220 -7.17 47.56 -31.69
N VAL A 221 -6.73 48.76 -31.29
CA VAL A 221 -5.77 48.87 -30.20
C VAL A 221 -6.39 48.37 -28.89
N GLY A 222 -7.66 48.69 -28.67
CA GLY A 222 -8.33 48.21 -27.47
C GLY A 222 -8.45 46.70 -27.44
N PHE A 223 -8.79 46.10 -28.58
CA PHE A 223 -8.87 44.64 -28.66
C PHE A 223 -7.49 44.01 -28.43
N VAL A 224 -6.44 44.61 -28.99
CA VAL A 224 -5.09 44.07 -28.80
C VAL A 224 -4.71 44.13 -27.33
N LEU A 225 -4.98 45.26 -26.67
CA LEU A 225 -4.69 45.39 -25.24
C LEU A 225 -5.50 44.42 -24.39
N TYR A 226 -6.78 44.22 -24.73
CA TYR A 226 -7.59 43.26 -23.98
C TYR A 226 -7.07 41.85 -24.14
N THR A 227 -6.71 41.46 -25.37
CA THR A 227 -6.16 40.13 -25.60
C THR A 227 -4.84 39.95 -24.85
N PHE A 228 -4.00 40.99 -24.85
CA PHE A 228 -2.75 40.92 -24.10
C PHE A 228 -3.01 40.73 -22.61
N LEU A 229 -3.91 41.53 -22.05
CA LEU A 229 -4.22 41.46 -20.62
C LEU A 229 -4.78 40.10 -20.24
N MET A 230 -5.61 39.52 -21.11
CA MET A 230 -6.24 38.24 -20.80
C MET A 230 -5.32 37.06 -21.09
N GLY A 231 -4.30 37.23 -21.93
CA GLY A 231 -3.45 36.11 -22.29
C GLY A 231 -2.14 36.04 -21.54
N PHE A 232 -1.44 37.16 -21.40
CA PHE A 232 -0.10 37.14 -20.81
C PHE A 232 -0.08 37.78 -19.43
N LEU A 233 -0.66 38.96 -19.30
CA LEU A 233 -0.61 39.73 -18.05
C LEU A 233 -1.12 38.93 -16.86
N LEU A 234 -2.38 38.50 -16.91
CA LEU A 234 -2.99 37.81 -15.79
C LEU A 234 -2.51 36.36 -15.65
N PRO A 235 -2.56 35.52 -16.70
CA PRO A 235 -2.20 34.11 -16.50
C PRO A 235 -0.74 33.90 -16.12
N VAL A 236 0.20 34.50 -16.84
CA VAL A 236 1.60 34.31 -16.54
C VAL A 236 1.93 34.84 -15.15
N GLY A 237 1.40 36.02 -14.81
CA GLY A 237 1.62 36.59 -13.50
C GLY A 237 1.11 35.71 -12.38
N ALA A 238 -0.12 35.19 -12.54
CA ALA A 238 -0.68 34.31 -11.54
C ALA A 238 0.12 33.03 -11.39
N ILE A 239 0.53 32.44 -12.52
CA ILE A 239 1.31 31.19 -12.48
C ILE A 239 2.65 31.44 -11.78
N CYS A 240 3.30 32.54 -12.13
CA CYS A 240 4.60 32.86 -11.53
C CYS A 240 4.46 33.10 -10.02
N LEU A 241 3.42 33.84 -9.62
CA LEU A 241 3.21 34.09 -8.20
C LEU A 241 2.95 32.80 -7.45
N CYS A 242 2.08 31.94 -7.99
CA CYS A 242 1.78 30.67 -7.34
C CYS A 242 3.02 29.81 -7.21
N TYR A 243 3.82 29.71 -8.27
CA TYR A 243 5.02 28.88 -8.22
C TYR A 243 6.07 29.45 -7.28
N VAL A 244 6.23 30.78 -7.25
CA VAL A 244 7.19 31.39 -6.33
C VAL A 244 6.76 31.14 -4.88
N LEU A 245 5.47 31.26 -4.61
CA LEU A 245 4.97 30.97 -3.27
C LEU A 245 5.18 29.52 -2.90
N ILE A 246 4.95 28.61 -3.87
CA ILE A 246 5.19 27.19 -3.62
C ILE A 246 6.65 26.95 -3.26
N ILE A 247 7.58 27.50 -4.05
CA ILE A 247 9.00 27.30 -3.80
C ILE A 247 9.39 27.89 -2.44
N ALA A 248 8.90 29.09 -2.12
CA ALA A 248 9.23 29.73 -0.86
C ALA A 248 8.73 28.92 0.33
N LYS A 249 7.47 28.47 0.26
CA LYS A 249 6.90 27.67 1.33
C LYS A 249 7.66 26.36 1.51
N MET A 250 8.00 25.72 0.38
CA MET A 250 8.75 24.46 0.42
C MET A 250 10.11 24.65 1.08
N ARG A 251 10.83 25.70 0.69
CA ARG A 251 12.14 25.96 1.27
C ARG A 251 12.02 26.30 2.76
N MET A 252 10.99 27.06 3.13
CA MET A 252 10.80 27.41 4.54
C MET A 252 10.51 26.17 5.37
N VAL A 253 9.70 25.25 4.84
CA VAL A 253 9.40 24.02 5.56
C VAL A 253 10.64 23.13 5.65
N ALA A 254 11.42 23.08 4.57
CA ALA A 254 12.64 22.29 4.59
C ALA A 254 13.63 22.80 5.62
N LEU A 255 13.77 24.13 5.71
CA LEU A 255 14.65 24.72 6.73
C LEU A 255 14.01 24.70 8.10
N LYS A 256 12.72 24.40 8.21
CA LYS A 256 12.05 24.42 9.50
C LYS A 256 12.29 23.14 10.30
N ALA A 257 12.51 22.02 9.61
CA ALA A 257 12.67 20.72 10.28
C ALA A 257 14.13 20.30 10.40
N GLY A 258 15.06 21.25 10.34
CA GLY A 258 16.47 20.95 10.50
C GLY A 258 17.03 20.00 9.47
N TRP A 259 16.58 20.11 8.23
CA TRP A 259 17.08 19.27 7.15
C TRP A 259 18.51 19.64 6.78
N GLN A 260 19.30 18.63 6.39
CA GLN A 260 20.68 18.84 5.99
C GLN A 260 20.77 19.78 4.80
N GLN A 261 21.64 20.80 4.90
CA GLN A 261 21.76 21.80 3.84
C GLN A 261 22.28 21.18 2.55
N ARG A 262 21.84 21.73 1.42
CA ARG A 262 22.26 21.34 0.07
C ARG A 262 21.78 19.94 -0.31
N LYS A 263 21.08 19.26 0.60
CA LYS A 263 20.32 18.07 0.21
C LYS A 263 19.10 18.49 -0.57
N ARG A 264 19.19 18.37 -1.89
CA ARG A 264 18.22 19.04 -2.76
C ARG A 264 17.60 18.03 -3.72
N SER A 265 16.48 17.44 -3.31
CA SER A 265 15.57 16.80 -4.25
C SER A 265 14.60 17.80 -4.88
N GLU A 266 14.63 19.05 -4.43
CA GLU A 266 13.77 20.12 -4.93
C GLU A 266 14.35 20.83 -6.14
N ARG A 267 15.59 20.52 -6.53
CA ARG A 267 16.17 21.12 -7.72
C ARG A 267 15.41 20.77 -8.99
N LYS A 268 14.88 19.54 -9.07
CA LYS A 268 14.10 19.14 -10.23
C LYS A 268 12.81 19.95 -10.36
N ILE A 269 12.05 20.10 -9.26
CA ILE A 269 10.81 20.88 -9.33
C ILE A 269 11.14 22.36 -9.52
N THR A 270 12.27 22.82 -8.99
CA THR A 270 12.69 24.19 -9.22
C THR A 270 12.97 24.46 -10.70
N LEU A 271 13.76 23.60 -11.35
CA LEU A 271 14.00 23.70 -12.79
C LEU A 271 12.73 23.53 -13.60
N MET A 272 11.80 22.69 -13.16
CA MET A 272 10.54 22.53 -13.88
C MET A 272 9.71 23.80 -13.79
N VAL A 273 9.68 24.43 -12.62
CA VAL A 273 8.98 25.70 -12.44
C VAL A 273 9.63 26.78 -13.31
N MET A 274 10.96 26.81 -13.36
CA MET A 274 11.64 27.77 -14.23
C MET A 274 11.30 27.55 -15.69
N MET A 275 11.26 26.28 -16.14
CA MET A 275 10.89 25.99 -17.51
C MET A 275 9.45 26.42 -17.80
N TYR A 276 8.55 26.18 -16.84
CA TYR A 276 7.15 26.54 -16.98
C TYR A 276 6.97 28.04 -17.24
N VAL A 277 7.87 28.87 -16.69
CA VAL A 277 7.73 30.32 -16.81
C VAL A 277 8.61 30.83 -17.93
N MET A 278 9.54 30.01 -18.42
CA MET A 278 10.42 30.46 -19.49
C MET A 278 9.90 30.07 -20.87
N VAL A 279 9.54 28.80 -21.06
CA VAL A 279 9.13 28.30 -22.36
C VAL A 279 7.71 28.77 -22.65
N PHE A 280 7.10 29.47 -21.69
CA PHE A 280 5.80 30.07 -21.92
C PHE A 280 5.97 31.55 -22.25
N VAL A 281 6.80 32.25 -21.47
CA VAL A 281 7.01 33.69 -21.69
C VAL A 281 7.70 33.92 -23.02
N ILE A 282 8.86 33.28 -23.23
CA ILE A 282 9.64 33.53 -24.45
C ILE A 282 8.83 33.17 -25.69
N CYS A 283 7.82 32.32 -25.55
CA CYS A 283 7.03 31.91 -26.71
C CYS A 283 5.82 32.81 -26.92
N TRP A 284 5.18 33.27 -25.84
CA TRP A 284 3.93 34.01 -25.96
C TRP A 284 4.13 35.52 -26.01
N MET A 285 5.06 36.07 -25.22
CA MET A 285 5.26 37.52 -25.21
C MET A 285 5.61 38.09 -26.57
N PRO A 286 6.52 37.51 -27.36
CA PRO A 286 6.73 38.04 -28.71
C PRO A 286 5.50 37.96 -29.59
N PHE A 287 4.64 36.96 -29.38
CA PHE A 287 3.42 36.85 -30.19
C PHE A 287 2.52 38.05 -29.99
N TYR A 288 2.51 38.63 -28.79
CA TYR A 288 1.73 39.83 -28.55
C TYR A 288 2.50 41.09 -28.93
N VAL A 289 3.82 41.07 -28.76
CA VAL A 289 4.63 42.25 -29.09
C VAL A 289 4.59 42.53 -30.58
N VAL A 290 4.70 41.48 -31.40
CA VAL A 290 4.67 41.65 -32.86
C VAL A 290 3.33 42.23 -33.29
N GLN A 291 2.28 41.68 -32.72
CA GLN A 291 0.95 42.14 -33.02
C GLN A 291 0.72 43.59 -32.58
N LEU A 292 1.23 44.02 -31.43
CA LEU A 292 1.12 45.39 -30.95
C LEU A 292 1.92 46.34 -31.83
N VAL A 293 3.09 45.91 -32.29
CA VAL A 293 3.90 46.76 -33.18
C VAL A 293 3.21 46.91 -34.53
N ASN A 294 2.67 45.82 -35.07
CA ASN A 294 2.01 45.89 -36.38
C ASN A 294 0.70 46.66 -36.33
N VAL A 295 0.09 46.79 -35.15
CA VAL A 295 -1.14 47.57 -35.02
C VAL A 295 -0.84 49.04 -34.75
N PHE A 296 0.13 49.32 -33.89
CA PHE A 296 0.38 50.70 -33.47
C PHE A 296 1.15 51.48 -34.53
N ALA A 297 2.36 51.04 -34.86
CA ALA A 297 3.25 51.79 -35.74
C ALA A 297 3.59 51.06 -37.02
N GLU A 298 3.94 49.78 -36.95
CA GLU A 298 4.36 49.06 -38.15
C GLU A 298 3.18 48.89 -39.11
N GLN A 299 3.48 48.84 -40.40
CA GLN A 299 2.44 48.72 -41.43
C GLN A 299 2.13 47.26 -41.75
N ASP A 300 3.14 46.46 -42.11
CA ASP A 300 2.92 45.06 -42.44
C ASP A 300 4.25 44.33 -42.39
N ASP A 301 4.31 43.31 -41.52
CA ASP A 301 5.48 42.41 -41.41
C ASP A 301 4.96 40.99 -41.23
N ALA A 302 4.77 40.29 -42.36
CA ALA A 302 4.21 38.94 -42.36
C ALA A 302 5.18 37.92 -41.78
N THR A 303 6.48 38.10 -42.03
CA THR A 303 7.48 37.13 -41.60
C THR A 303 7.50 36.96 -40.08
N VAL A 304 7.61 38.07 -39.35
CA VAL A 304 7.70 37.98 -37.89
C VAL A 304 6.38 37.51 -37.31
N SER A 305 5.26 37.88 -37.94
CA SER A 305 3.96 37.39 -37.47
C SER A 305 3.84 35.88 -37.62
N GLN A 306 4.27 35.35 -38.77
CA GLN A 306 4.25 33.90 -38.98
C GLN A 306 5.20 33.20 -38.02
N LEU A 307 6.37 33.79 -37.76
CA LEU A 307 7.29 33.21 -36.79
C LEU A 307 6.69 33.20 -35.39
N SER A 308 5.97 34.26 -35.01
CA SER A 308 5.33 34.30 -33.70
C SER A 308 4.22 33.25 -33.60
N VAL A 309 3.46 33.09 -34.67
CA VAL A 309 2.40 32.06 -34.67
C VAL A 309 3.03 30.67 -34.57
N ILE A 310 4.13 30.45 -35.28
CA ILE A 310 4.82 29.15 -35.21
C ILE A 310 5.35 28.92 -33.80
N LEU A 311 5.88 29.96 -33.15
CA LEU A 311 6.39 29.82 -31.80
C LEU A 311 5.26 29.53 -30.82
N GLY A 312 4.11 30.17 -31.01
CA GLY A 312 2.96 29.88 -30.17
C GLY A 312 2.47 28.45 -30.33
N TYR A 313 2.30 27.94 -31.50
CA TYR A 313 1.90 26.61 -31.52
C TYR A 313 3.05 25.73 -30.97
N ALA A 314 4.35 25.93 -31.29
CA ALA A 314 5.37 25.11 -30.65
C ALA A 314 5.22 25.10 -29.13
N ASN A 315 4.85 26.24 -28.53
CA ASN A 315 4.57 26.27 -27.10
C ASN A 315 3.36 25.40 -26.76
N SER A 316 2.32 25.48 -27.58
CA SER A 316 1.11 24.69 -27.36
C SER A 316 1.39 23.20 -27.52
N CYS A 317 2.40 22.86 -28.32
CA CYS A 317 2.83 21.48 -28.51
C CYS A 317 3.79 20.99 -27.43
N ALA A 318 4.57 21.89 -26.84
CA ALA A 318 5.54 21.51 -25.81
C ALA A 318 4.99 21.59 -24.40
N ASN A 319 3.86 22.27 -24.20
CA ASN A 319 3.24 22.30 -22.87
C ASN A 319 2.85 20.90 -22.39
N PRO A 320 2.13 20.09 -23.19
CA PRO A 320 1.80 18.74 -22.71
C PRO A 320 3.05 17.90 -22.46
N ILE A 321 4.10 18.10 -23.25
CA ILE A 321 5.36 17.40 -23.01
C ILE A 321 5.89 17.70 -21.61
N LEU A 322 6.07 18.98 -21.29
CA LEU A 322 6.64 19.37 -20.01
C LEU A 322 5.72 19.01 -18.86
N TYR A 323 4.40 18.96 -19.11
CA TYR A 323 3.45 18.72 -18.05
C TYR A 323 3.15 17.24 -17.81
N GLY A 324 3.45 16.36 -18.77
CA GLY A 324 3.15 14.96 -18.60
C GLY A 324 4.33 14.02 -18.63
N PHE A 325 5.37 14.37 -19.40
CA PHE A 325 6.50 13.46 -19.56
C PHE A 325 7.46 13.56 -18.39
N LEU A 326 7.80 14.79 -17.98
CA LEU A 326 8.74 15.03 -16.89
C LEU A 326 8.03 15.31 -15.56
N SER A 327 6.78 14.90 -15.42
CA SER A 327 6.04 15.13 -14.19
C SER A 327 6.11 13.95 -13.23
N ASP A 328 6.73 12.84 -13.65
CA ASP A 328 7.03 11.68 -12.80
C ASP A 328 5.77 10.94 -12.38
N ASN A 329 4.60 11.42 -12.78
CA ASN A 329 3.35 10.74 -12.46
C ASN A 329 2.74 10.04 -13.67
N PHE A 330 3.21 10.34 -14.87
CA PHE A 330 2.75 9.66 -16.07
C PHE A 330 3.91 8.90 -16.71
N LYS A 331 5.13 9.20 -16.27
CA LYS A 331 6.30 8.48 -16.75
C LYS A 331 6.22 7.02 -16.32
N ARG A 332 5.65 6.77 -15.15
CA ARG A 332 5.49 5.39 -14.69
C ARG A 332 4.47 4.64 -15.54
N SER A 333 3.44 5.33 -16.01
CA SER A 333 2.49 4.69 -16.92
C SER A 333 3.11 4.48 -18.30
N PHE A 334 3.94 5.42 -18.75
CA PHE A 334 4.68 5.23 -19.99
C PHE A 334 5.62 4.05 -19.90
N GLN A 335 6.20 3.81 -18.73
CA GLN A 335 7.09 2.67 -18.55
C GLN A 335 6.33 1.35 -18.66
N ARG A 336 5.06 1.35 -18.30
CA ARG A 336 4.23 0.14 -18.37
C ARG A 336 4.04 -0.30 -19.82
N THR B 4 -41.31 5.23 -9.62
CA THR B 4 -41.61 5.58 -8.24
C THR B 4 -41.01 4.55 -7.28
N LEU B 5 -40.97 4.90 -5.99
CA LEU B 5 -40.43 4.04 -4.96
C LEU B 5 -41.52 3.66 -3.96
N SER B 6 -41.21 2.66 -3.14
CA SER B 6 -42.15 2.18 -2.14
C SER B 6 -42.11 3.08 -0.90
N ALA B 7 -42.80 2.66 0.16
CA ALA B 7 -42.84 3.43 1.39
C ALA B 7 -41.58 3.26 2.22
N GLU B 8 -41.07 2.04 2.32
CA GLU B 8 -39.85 1.79 3.09
C GLU B 8 -38.59 2.23 2.35
N ASP B 9 -38.64 2.30 1.01
CA ASP B 9 -37.48 2.76 0.25
C ASP B 9 -37.14 4.22 0.55
N LYS B 10 -38.15 5.06 0.76
CA LYS B 10 -37.90 6.45 1.10
C LYS B 10 -37.20 6.57 2.46
N ALA B 11 -37.67 5.80 3.44
CA ALA B 11 -37.02 5.81 4.76
C ALA B 11 -35.60 5.27 4.67
N ALA B 12 -35.38 4.23 3.85
CA ALA B 12 -34.04 3.71 3.67
C ALA B 12 -33.11 4.74 3.04
N VAL B 13 -33.61 5.47 2.04
CA VAL B 13 -32.80 6.50 1.39
C VAL B 13 -32.49 7.62 2.37
N GLU B 14 -33.48 8.00 3.21
CA GLU B 14 -33.23 9.04 4.21
C GLU B 14 -32.18 8.60 5.22
N ARG B 15 -32.26 7.35 5.68
CA ARG B 15 -31.27 6.83 6.61
C ARG B 15 -29.88 6.79 5.97
N SER B 16 -29.81 6.37 4.70
CA SER B 16 -28.53 6.34 4.00
C SER B 16 -27.94 7.74 3.86
N LYS B 17 -28.78 8.72 3.54
CA LYS B 17 -28.29 10.10 3.41
C LYS B 17 -27.82 10.64 4.75
N MET B 18 -28.52 10.31 5.84
CA MET B 18 -28.08 10.73 7.16
C MET B 18 -26.74 10.10 7.52
N ILE B 19 -26.59 8.81 7.24
CA ILE B 19 -25.32 8.13 7.53
C ILE B 19 -24.20 8.72 6.69
N GLU B 20 -24.49 9.09 5.44
CA GLU B 20 -23.46 9.71 4.60
C GLU B 20 -23.08 11.10 5.11
N LYS B 21 -24.07 11.88 5.56
CA LYS B 21 -23.77 13.19 6.12
C LYS B 21 -22.96 13.07 7.41
N GLN B 22 -23.19 12.02 8.19
CA GLN B 22 -22.37 11.79 9.38
C GLN B 22 -20.96 11.35 9.01
N LEU B 23 -20.84 10.49 8.00
CA LEU B 23 -19.53 10.04 7.55
C LEU B 23 -18.73 11.18 6.94
N GLN B 24 -19.40 12.19 6.39
CA GLN B 24 -18.69 13.37 5.90
C GLN B 24 -17.93 14.06 7.04
N LYS B 25 -18.61 14.33 8.16
CA LYS B 25 -17.95 14.92 9.31
C LYS B 25 -16.91 13.97 9.90
N ASP B 26 -17.19 12.66 9.87
CA ASP B 26 -16.21 11.70 10.34
C ASP B 26 -14.91 11.78 9.53
N LYS B 27 -15.04 11.87 8.20
CA LYS B 27 -13.87 11.99 7.34
C LYS B 27 -13.15 13.32 7.55
N GLN B 28 -13.92 14.38 7.78
CA GLN B 28 -13.30 15.67 8.08
C GLN B 28 -12.45 15.60 9.34
N VAL B 29 -13.00 15.01 10.41
CA VAL B 29 -12.25 14.87 11.66
C VAL B 29 -11.07 13.94 11.47
N TYR B 30 -11.22 12.90 10.65
CA TYR B 30 -10.14 11.96 10.42
C TYR B 30 -8.98 12.61 9.68
N ARG B 31 -9.27 13.39 8.64
CA ARG B 31 -8.22 14.09 7.90
C ARG B 31 -7.65 15.27 8.68
N ALA B 32 -8.40 15.83 9.62
CA ALA B 32 -7.90 16.94 10.42
C ALA B 32 -6.95 16.49 11.52
N THR B 33 -6.80 15.18 11.74
CA THR B 33 -5.92 14.65 12.77
C THR B 33 -4.89 13.74 12.14
N HIS B 34 -3.64 13.88 12.59
CA HIS B 34 -2.53 13.07 12.10
C HIS B 34 -2.29 11.89 13.03
N ARG B 35 -1.84 10.78 12.46
CA ARG B 35 -1.59 9.55 13.20
C ARG B 35 -0.13 9.14 13.02
N LEU B 36 0.52 8.79 14.12
CA LEU B 36 1.92 8.36 14.10
C LEU B 36 2.05 7.00 14.75
N LEU B 37 3.13 6.29 14.42
CA LEU B 37 3.41 4.97 14.96
C LEU B 37 4.68 5.05 15.80
N LEU B 38 4.54 4.91 17.11
CA LEU B 38 5.68 4.98 18.02
C LEU B 38 6.26 3.58 18.20
N LEU B 39 7.56 3.43 17.94
CA LEU B 39 8.25 2.16 18.08
C LEU B 39 9.56 2.37 18.83
N GLY B 40 9.97 1.34 19.57
CA GLY B 40 11.19 1.40 20.35
C GLY B 40 11.36 0.22 21.27
N ALA B 41 12.62 -0.13 21.56
CA ALA B 41 12.90 -1.26 22.43
C ALA B 41 12.59 -0.91 23.88
N ASP B 42 12.71 -1.91 24.75
CA ASP B 42 12.45 -1.70 26.17
C ASP B 42 13.54 -0.85 26.82
N ASN B 43 14.79 -1.02 26.36
CA ASN B 43 15.92 -0.25 26.89
C ASN B 43 15.96 1.17 26.37
N SER B 44 15.13 1.50 25.37
CA SER B 44 15.15 2.86 24.82
C SER B 44 14.59 3.86 25.82
N GLY B 45 13.48 3.53 26.47
CA GLY B 45 12.88 4.42 27.44
C GLY B 45 11.87 5.38 26.83
N LYS B 46 10.94 4.85 26.04
CA LYS B 46 9.91 5.68 25.42
C LYS B 46 8.85 6.14 26.41
N SER B 47 8.82 5.58 27.63
CA SER B 47 7.85 6.02 28.62
C SER B 47 8.05 7.47 28.99
N THR B 48 9.32 7.90 29.11
CA THR B 48 9.59 9.31 29.40
C THR B 48 9.15 10.22 28.27
N ILE B 49 9.26 9.74 27.01
CA ILE B 49 8.81 10.54 25.88
C ILE B 49 7.29 10.61 25.84
N VAL B 50 6.62 9.54 26.26
CA VAL B 50 5.16 9.54 26.28
C VAL B 50 4.64 10.45 27.39
N LYS B 51 5.28 10.40 28.57
CA LYS B 51 4.80 11.17 29.70
C LYS B 51 5.06 12.67 29.57
N GLN B 52 5.99 13.07 28.69
CA GLN B 52 6.32 14.48 28.53
C GLN B 52 5.47 15.15 27.45
N MET B 53 4.36 14.53 27.03
CA MET B 53 3.47 15.09 26.04
C MET B 53 2.20 15.56 26.73
N ARG B 54 1.87 16.84 26.57
CA ARG B 54 0.70 17.44 27.18
C ARG B 54 -0.26 17.91 26.09
N ILE B 55 -1.54 17.94 26.44
CA ILE B 55 -2.58 18.36 25.50
C ILE B 55 -2.50 19.86 25.29
N ARG B 178 -9.14 0.30 29.48
CA ARG B 178 -9.24 0.20 30.94
C ARG B 178 -8.68 -1.13 31.44
N VAL B 179 -8.66 -2.13 30.56
CA VAL B 179 -8.15 -3.44 30.91
C VAL B 179 -6.63 -3.40 30.97
N LYS B 180 -6.06 -4.28 31.80
CA LYS B 180 -4.61 -4.34 31.95
C LYS B 180 -3.92 -5.06 30.79
N THR B 181 -4.67 -5.81 29.99
CA THR B 181 -4.12 -6.56 28.86
C THR B 181 -4.23 -5.79 27.54
N SER B 182 -4.23 -4.46 27.60
CA SER B 182 -4.34 -3.65 26.40
C SER B 182 -3.06 -3.77 25.57
N GLY B 183 -3.22 -3.96 24.26
CA GLY B 183 -2.12 -4.09 23.35
C GLY B 183 -1.78 -2.86 22.54
N ILE B 184 -2.53 -1.77 22.72
CA ILE B 184 -2.30 -0.54 21.98
C ILE B 184 -2.75 0.63 22.83
N PHE B 185 -1.90 1.65 22.96
CA PHE B 185 -2.22 2.84 23.72
C PHE B 185 -2.22 4.05 22.80
N GLU B 186 -3.15 4.97 23.05
CA GLU B 186 -3.29 6.18 22.25
C GLU B 186 -3.13 7.40 23.13
N THR B 187 -2.25 8.32 22.70
CA THR B 187 -2.02 9.57 23.41
C THR B 187 -2.33 10.72 22.47
N LYS B 188 -3.33 11.52 22.83
CA LYS B 188 -3.76 12.64 22.01
C LYS B 188 -3.23 13.94 22.59
N PHE B 189 -2.62 14.77 21.74
CA PHE B 189 -2.14 16.08 22.15
C PHE B 189 -2.36 17.07 21.01
N GLN B 190 -2.05 18.34 21.28
CA GLN B 190 -2.30 19.42 20.34
C GLN B 190 -1.07 20.31 20.26
N VAL B 191 -0.55 20.49 19.05
CA VAL B 191 0.59 21.35 18.78
C VAL B 191 0.24 22.27 17.63
N ASP B 192 0.38 23.58 17.85
CA ASP B 192 0.10 24.60 16.83
C ASP B 192 -1.30 24.42 16.25
N LYS B 193 -2.27 24.23 17.13
CA LYS B 193 -3.69 24.06 16.79
C LYS B 193 -3.94 22.83 15.95
N VAL B 194 -2.99 21.90 15.87
CA VAL B 194 -3.13 20.66 15.11
C VAL B 194 -3.10 19.49 16.08
N ASN B 195 -4.08 18.60 15.96
CA ASN B 195 -4.18 17.45 16.85
C ASN B 195 -3.33 16.30 16.33
N PHE B 196 -2.62 15.63 17.25
CA PHE B 196 -1.79 14.49 16.93
C PHE B 196 -2.10 13.36 17.90
N HIS B 197 -2.36 12.17 17.36
CA HIS B 197 -2.65 10.98 18.14
C HIS B 197 -1.51 9.98 17.93
N MET B 198 -0.66 9.83 18.94
CA MET B 198 0.45 8.90 18.89
C MET B 198 0.02 7.53 19.41
N PHE B 199 0.38 6.49 18.68
CA PHE B 199 0.01 5.12 19.03
C PHE B 199 1.25 4.36 19.48
N ASP B 200 1.16 3.75 20.65
CA ASP B 200 2.26 2.99 21.23
C ASP B 200 1.86 1.52 21.37
N VAL B 201 2.78 0.63 21.04
CA VAL B 201 2.52 -0.80 21.12
C VAL B 201 2.47 -1.23 22.58
N GLY B 202 1.42 -1.97 22.94
CA GLY B 202 1.25 -2.42 24.30
C GLY B 202 1.68 -3.86 24.51
N ALA B 203 0.76 -4.68 25.01
CA ALA B 203 1.04 -6.09 25.30
C ALA B 203 0.94 -6.89 24.00
N GLN B 204 2.07 -7.00 23.30
CA GLN B 204 2.14 -7.76 22.06
C GLN B 204 3.33 -8.71 22.13
N ARG B 205 3.23 -9.80 21.38
CA ARG B 205 4.27 -10.83 21.39
C ARG B 205 5.47 -10.36 20.58
N ASP B 206 6.50 -11.22 20.52
CA ASP B 206 7.74 -10.85 19.84
C ASP B 206 7.56 -10.70 18.34
N GLU B 207 6.67 -11.50 17.75
CA GLU B 207 6.44 -11.42 16.31
C GLU B 207 5.69 -10.14 15.97
N ARG B 208 6.27 -9.33 15.08
CA ARG B 208 5.70 -8.05 14.68
C ARG B 208 5.68 -7.89 13.17
N ARG B 209 5.56 -9.00 12.43
CA ARG B 209 5.55 -8.95 10.98
C ARG B 209 4.15 -8.96 10.38
N LYS B 210 3.13 -9.32 11.16
CA LYS B 210 1.78 -9.43 10.63
C LYS B 210 0.96 -8.16 10.88
N TRP B 211 0.86 -7.74 12.14
CA TRP B 211 0.04 -6.59 12.48
C TRP B 211 0.67 -5.27 12.04
N ILE B 212 1.96 -5.26 11.71
CA ILE B 212 2.60 -4.03 11.26
C ILE B 212 1.96 -3.53 9.97
N GLN B 213 1.44 -4.45 9.15
CA GLN B 213 0.75 -4.06 7.92
C GLN B 213 -0.49 -3.22 8.21
N CYS B 214 -1.00 -3.27 9.44
CA CYS B 214 -2.13 -2.42 9.80
C CYS B 214 -1.75 -0.94 9.87
N PHE B 215 -0.46 -0.64 9.94
CA PHE B 215 0.03 0.75 9.99
C PHE B 215 0.51 1.24 8.64
N ASN B 216 -0.15 0.81 7.56
CA ASN B 216 0.26 1.21 6.22
C ASN B 216 -0.12 2.64 5.88
N ASP B 217 -1.16 3.20 6.52
CA ASP B 217 -1.65 4.53 6.21
C ASP B 217 -1.29 5.55 7.29
N VAL B 218 -0.21 5.29 8.04
CA VAL B 218 0.21 6.24 9.06
C VAL B 218 1.05 7.35 8.44
N THR B 219 1.13 8.47 9.16
CA THR B 219 1.88 9.62 8.65
C THR B 219 3.39 9.41 8.81
N ALA B 220 3.82 8.95 9.98
CA ALA B 220 5.24 8.75 10.24
C ALA B 220 5.42 7.68 11.30
N ILE B 221 6.62 7.11 11.32
CA ILE B 221 7.01 6.09 12.29
C ILE B 221 8.13 6.68 13.14
N ILE B 222 7.81 7.04 14.38
CA ILE B 222 8.80 7.58 15.32
C ILE B 222 9.50 6.40 15.98
N PHE B 223 10.74 6.15 15.57
CA PHE B 223 11.53 5.03 16.09
C PHE B 223 12.57 5.58 17.06
N VAL B 224 12.53 5.10 18.30
CA VAL B 224 13.43 5.55 19.35
C VAL B 224 14.54 4.51 19.56
N VAL B 225 15.77 4.99 19.64
CA VAL B 225 16.94 4.13 19.82
C VAL B 225 17.74 4.65 21.00
N ASP B 226 18.15 3.75 21.87
CA ASP B 226 19.03 4.10 22.96
C ASP B 226 20.40 4.23 22.41
N SER B 227 21.06 5.30 22.75
CA SER B 227 22.43 5.48 22.29
C SER B 227 23.47 5.03 23.32
N SER B 228 23.11 5.01 24.60
CA SER B 228 24.05 4.65 25.65
C SER B 228 24.32 3.15 25.73
N ASP B 229 23.61 2.34 24.95
CA ASP B 229 23.79 0.89 24.95
C ASP B 229 24.43 0.49 23.63
N TYR B 230 25.76 0.36 23.64
CA TYR B 230 26.49 -0.01 22.42
C TYR B 230 26.27 -1.46 22.02
N ASN B 231 25.78 -2.30 22.94
CA ASN B 231 25.59 -3.72 22.62
C ASN B 231 24.37 -3.93 21.74
N ARG B 232 23.33 -3.10 21.88
CA ARG B 232 22.10 -3.24 21.12
C ARG B 232 22.03 -2.30 19.94
N LEU B 233 23.12 -1.59 19.64
CA LEU B 233 23.12 -0.72 18.45
C LEU B 233 22.96 -1.53 17.18
N GLN B 234 23.57 -2.72 17.13
CA GLN B 234 23.43 -3.56 15.95
C GLN B 234 21.99 -4.05 15.79
N GLU B 235 21.35 -4.41 16.90
CA GLU B 235 19.95 -4.82 16.84
C GLU B 235 19.05 -3.66 16.41
N ALA B 236 19.35 -2.45 16.89
CA ALA B 236 18.59 -1.28 16.47
C ALA B 236 18.77 -1.02 14.98
N LEU B 237 20.00 -1.17 14.48
CA LEU B 237 20.24 -0.97 13.05
C LEU B 237 19.52 -2.04 12.23
N ASN B 238 19.50 -3.28 12.71
CA ASN B 238 18.77 -4.34 12.01
C ASN B 238 17.28 -4.06 11.98
N ASP B 239 16.72 -3.58 13.10
CA ASP B 239 15.30 -3.24 13.12
C ASP B 239 15.00 -2.08 12.18
N PHE B 240 15.88 -1.08 12.14
CA PHE B 240 15.68 0.05 11.23
C PHE B 240 15.75 -0.41 9.78
N LYS B 241 16.67 -1.33 9.47
CA LYS B 241 16.77 -1.86 8.12
C LYS B 241 15.53 -2.66 7.75
N SER B 242 15.00 -3.43 8.71
CA SER B 242 13.78 -4.21 8.44
C SER B 242 12.59 -3.30 8.20
N ILE B 243 12.46 -2.23 8.99
CA ILE B 243 11.33 -1.32 8.84
C ILE B 243 11.46 -0.51 7.55
N TRP B 244 12.68 -0.10 7.21
CA TRP B 244 12.88 0.74 6.03
C TRP B 244 12.75 -0.05 4.73
N ASN B 245 13.16 -1.32 4.72
CA ASN B 245 13.10 -2.15 3.53
C ASN B 245 11.83 -3.00 3.46
N ASN B 246 10.82 -2.68 4.26
CA ASN B 246 9.57 -3.42 4.22
C ASN B 246 8.79 -3.08 2.94
N ARG B 247 8.05 -4.07 2.44
CA ARG B 247 7.30 -3.86 1.20
C ARG B 247 6.18 -2.86 1.39
N TRP B 248 5.52 -2.87 2.55
CA TRP B 248 4.41 -1.98 2.82
C TRP B 248 4.81 -0.72 3.58
N LEU B 249 6.04 -0.65 4.08
CA LEU B 249 6.54 0.52 4.80
C LEU B 249 7.53 1.33 3.97
N ARG B 250 7.60 1.08 2.66
CA ARG B 250 8.54 1.77 1.79
C ARG B 250 8.10 3.19 1.46
N THR B 251 6.85 3.57 1.78
CA THR B 251 6.34 4.90 1.48
C THR B 251 6.04 5.70 2.74
N ILE B 252 6.51 5.25 3.90
CA ILE B 252 6.26 5.91 5.18
C ILE B 252 7.60 6.40 5.71
N SER B 253 7.62 7.66 6.15
CA SER B 253 8.84 8.25 6.67
C SER B 253 9.09 7.80 8.10
N VAL B 254 10.38 7.71 8.46
CA VAL B 254 10.81 7.27 9.78
C VAL B 254 11.56 8.42 10.45
N ILE B 255 11.15 8.76 11.66
CA ILE B 255 11.77 9.81 12.46
C ILE B 255 12.59 9.12 13.54
N LEU B 256 13.91 9.27 13.47
CA LEU B 256 14.82 8.61 14.41
C LEU B 256 15.05 9.51 15.61
N PHE B 257 14.81 8.98 16.80
CA PHE B 257 15.05 9.68 18.06
C PHE B 257 16.13 8.94 18.83
N LEU B 258 17.34 9.51 18.84
CA LEU B 258 18.47 8.94 19.59
C LEU B 258 18.37 9.43 21.03
N ASN B 259 17.74 8.62 21.87
CA ASN B 259 17.50 9.01 23.26
C ASN B 259 18.76 8.77 24.09
N LYS B 260 18.74 9.34 25.30
CA LYS B 260 19.82 9.17 26.28
C LYS B 260 21.16 9.70 25.74
N GLN B 261 21.18 10.99 25.43
CA GLN B 261 22.40 11.63 24.96
C GLN B 261 23.38 11.90 26.11
N ASP B 262 22.86 12.30 27.26
CA ASP B 262 23.73 12.57 28.41
C ASP B 262 24.39 11.30 28.91
N LEU B 263 23.66 10.18 28.89
CA LEU B 263 24.26 8.91 29.31
C LEU B 263 25.36 8.49 28.34
N LEU B 264 25.15 8.70 27.04
CA LEU B 264 26.20 8.41 26.07
C LEU B 264 27.41 9.30 26.27
N ALA B 265 27.17 10.58 26.57
CA ALA B 265 28.29 11.49 26.83
C ALA B 265 29.08 11.05 28.06
N GLU B 266 28.39 10.66 29.12
CA GLU B 266 29.07 10.19 30.32
C GLU B 266 29.84 8.89 30.05
N LYS B 267 29.25 7.98 29.28
CA LYS B 267 29.93 6.74 28.96
C LYS B 267 31.16 6.98 28.09
N VAL B 268 31.11 7.98 27.21
CA VAL B 268 32.26 8.30 26.38
C VAL B 268 33.35 8.99 27.19
N LEU B 269 32.97 9.88 28.11
CA LEU B 269 33.95 10.56 28.95
C LEU B 269 34.56 9.64 30.00
N ALA B 270 33.86 8.56 30.36
CA ALA B 270 34.40 7.63 31.35
C ALA B 270 35.63 6.91 30.81
N GLY B 271 35.50 6.29 29.64
CA GLY B 271 36.60 5.57 29.02
C GLY B 271 36.73 4.12 29.41
N LYS B 272 35.77 3.57 30.16
CA LYS B 272 35.83 2.18 30.57
C LYS B 272 35.44 1.21 29.46
N SER B 273 34.95 1.72 28.33
CA SER B 273 34.55 0.86 27.21
C SER B 273 34.87 1.58 25.92
N LYS B 274 35.33 0.81 24.93
CA LYS B 274 35.69 1.34 23.63
C LYS B 274 34.59 1.08 22.62
N ILE B 275 34.52 1.94 21.60
CA ILE B 275 33.49 1.81 20.57
C ILE B 275 33.96 0.96 19.40
N GLU B 276 35.25 0.98 19.08
CA GLU B 276 35.76 0.23 17.94
C GLU B 276 35.67 -1.27 18.13
N ASP B 277 35.51 -1.74 19.37
CA ASP B 277 35.36 -3.17 19.60
C ASP B 277 34.03 -3.69 19.07
N TYR B 278 33.02 -2.83 19.00
CA TYR B 278 31.71 -3.21 18.45
C TYR B 278 31.50 -2.76 17.01
N PHE B 279 32.16 -1.68 16.59
CA PHE B 279 32.04 -1.18 15.23
C PHE B 279 33.42 -0.75 14.72
N PRO B 280 34.03 -1.52 13.83
CA PRO B 280 35.35 -1.13 13.31
C PRO B 280 35.32 0.17 12.52
N GLU B 281 34.19 0.50 11.89
CA GLU B 281 34.09 1.73 11.11
C GLU B 281 34.29 2.97 11.97
N PHE B 282 34.10 2.85 13.30
CA PHE B 282 34.36 3.99 14.17
C PHE B 282 35.84 4.34 14.22
N ALA B 283 36.72 3.37 13.97
CA ALA B 283 38.15 3.63 13.96
C ALA B 283 38.62 4.36 12.72
N ARG B 284 37.79 4.39 11.66
CA ARG B 284 38.14 5.05 10.42
C ARG B 284 37.24 6.24 10.09
N TYR B 285 36.19 6.48 10.87
CA TYR B 285 35.27 7.57 10.59
C TYR B 285 35.86 8.89 11.05
N THR B 286 35.57 9.95 10.30
CA THR B 286 36.05 11.29 10.60
C THR B 286 34.87 12.24 10.74
N THR B 287 35.04 13.25 11.58
CA THR B 287 33.99 14.24 11.80
C THR B 287 33.78 15.07 10.53
N PRO B 288 32.57 15.15 10.00
CA PRO B 288 32.34 15.94 8.79
C PRO B 288 32.42 17.43 9.07
N GLU B 289 32.70 18.19 8.00
CA GLU B 289 32.81 19.64 8.13
C GLU B 289 31.46 20.31 8.38
N ASP B 290 30.36 19.66 7.99
CA ASP B 290 29.03 20.21 8.17
C ASP B 290 28.46 19.92 9.56
N ALA B 291 29.29 19.49 10.50
CA ALA B 291 28.80 19.20 11.85
C ALA B 291 28.48 20.49 12.59
N THR B 292 27.57 20.36 13.57
CA THR B 292 27.13 21.48 14.41
C THR B 292 27.37 21.10 15.86
N PRO B 293 28.59 21.30 16.37
CA PRO B 293 28.86 20.95 17.77
C PRO B 293 28.12 21.87 18.72
N GLU B 294 27.59 21.29 19.79
CA GLU B 294 26.87 22.05 20.80
C GLU B 294 27.86 22.83 21.67
N PRO B 295 27.45 23.99 22.17
CA PRO B 295 28.34 24.78 23.05
C PRO B 295 28.68 24.02 24.32
N GLY B 296 29.97 23.85 24.56
CA GLY B 296 30.44 23.13 25.74
C GLY B 296 30.20 21.64 25.64
N GLU B 297 30.83 21.00 24.65
CA GLU B 297 30.70 19.56 24.45
C GLU B 297 32.04 18.99 24.02
N ASP B 298 32.37 17.82 24.55
CA ASP B 298 33.62 17.17 24.19
C ASP B 298 33.57 16.72 22.73
N PRO B 299 34.62 16.97 21.95
CA PRO B 299 34.60 16.54 20.54
C PRO B 299 34.45 15.04 20.35
N ARG B 300 34.85 14.23 21.33
CA ARG B 300 34.71 12.79 21.19
C ARG B 300 33.24 12.36 21.19
N VAL B 301 32.43 12.96 22.06
CA VAL B 301 31.01 12.65 22.08
C VAL B 301 30.35 13.09 20.79
N THR B 302 30.75 14.25 20.26
CA THR B 302 30.21 14.72 18.98
C THR B 302 30.57 13.76 17.85
N ARG B 303 31.83 13.33 17.80
CA ARG B 303 32.25 12.38 16.78
C ARG B 303 31.47 11.07 16.90
N ALA B 304 31.27 10.59 18.12
CA ALA B 304 30.54 9.34 18.33
C ALA B 304 29.10 9.45 17.88
N LYS B 305 28.42 10.55 18.26
CA LYS B 305 27.02 10.70 17.88
C LYS B 305 26.87 10.92 16.38
N TYR B 306 27.81 11.62 15.74
CA TYR B 306 27.74 11.77 14.29
C TYR B 306 28.03 10.45 13.58
N PHE B 307 28.93 9.63 14.13
CA PHE B 307 29.15 8.30 13.57
C PHE B 307 27.90 7.44 13.68
N ILE B 308 27.22 7.51 14.82
CA ILE B 308 25.97 6.75 14.99
C ILE B 308 24.92 7.25 14.00
N ARG B 309 24.80 8.56 13.83
CA ARG B 309 23.85 9.11 12.88
C ARG B 309 24.16 8.66 11.45
N ASP B 310 25.44 8.58 11.14
CA ASP B 310 25.81 8.21 9.81
C ASP B 310 25.47 6.76 9.62
N GLU B 311 25.81 5.91 10.58
CA GLU B 311 25.50 4.49 10.48
C GLU B 311 24.00 4.25 10.32
N PHE B 312 23.18 5.07 10.99
CA PHE B 312 21.74 4.92 10.86
C PHE B 312 21.25 5.44 9.50
N LEU B 313 21.89 6.46 8.95
CA LEU B 313 21.44 7.05 7.70
C LEU B 313 21.96 6.30 6.47
N ARG B 314 23.02 5.50 6.61
CA ARG B 314 23.49 4.72 5.47
C ARG B 314 22.46 3.70 5.02
N ILE B 315 21.62 3.24 5.93
CA ILE B 315 20.57 2.30 5.56
C ILE B 315 19.40 3.02 4.89
N SER B 316 19.08 4.23 5.34
CA SER B 316 17.98 4.97 4.76
C SER B 316 18.32 5.58 3.40
N THR B 317 19.59 5.90 3.17
CA THR B 317 20.02 6.46 1.90
C THR B 317 20.30 5.40 0.85
N ALA B 318 20.43 4.13 1.24
CA ALA B 318 20.68 3.06 0.28
C ALA B 318 19.41 2.56 -0.39
N SER B 319 18.24 2.73 0.24
CA SER B 319 16.98 2.27 -0.33
C SER B 319 15.94 3.40 -0.36
N GLY B 320 16.38 4.65 -0.31
CA GLY B 320 15.46 5.78 -0.32
C GLY B 320 14.73 5.93 -1.64
N ASP B 321 15.48 6.11 -2.72
CA ASP B 321 14.94 6.27 -4.07
C ASP B 321 14.00 7.46 -4.20
N GLY B 322 14.08 8.42 -3.28
CA GLY B 322 13.26 9.61 -3.34
C GLY B 322 11.83 9.46 -2.86
N ARG B 323 11.33 8.23 -2.68
CA ARG B 323 9.96 8.03 -2.25
C ARG B 323 9.78 8.30 -0.76
N HIS B 324 10.83 8.18 0.03
CA HIS B 324 10.74 8.44 1.47
C HIS B 324 12.12 8.83 1.98
N TYR B 325 12.14 9.55 3.11
CA TYR B 325 13.36 10.01 3.73
C TYR B 325 13.27 9.84 5.23
N CYS B 326 14.41 9.96 5.90
CA CYS B 326 14.50 9.82 7.34
C CYS B 326 14.76 11.17 8.00
N TYR B 327 14.30 11.31 9.24
CA TYR B 327 14.44 12.54 10.01
C TYR B 327 15.26 12.24 11.27
N PRO B 328 16.57 12.38 11.21
CA PRO B 328 17.40 12.12 12.40
C PRO B 328 17.29 13.27 13.39
N HIS B 329 17.12 12.92 14.67
CA HIS B 329 17.01 13.90 15.73
C HIS B 329 17.66 13.35 17.00
N PHE B 330 18.22 14.26 17.79
CA PHE B 330 18.90 13.90 19.04
C PHE B 330 18.02 14.34 20.21
N THR B 331 17.55 13.38 20.99
CA THR B 331 16.67 13.63 22.13
C THR B 331 17.43 13.32 23.41
N CYS B 332 17.35 14.24 24.37
CA CYS B 332 18.01 14.08 25.66
C CYS B 332 16.99 13.58 26.69
N SER B 333 17.42 13.52 27.95
CA SER B 333 16.53 13.07 29.02
C SER B 333 15.39 14.07 29.24
N VAL B 334 15.74 15.31 29.57
CA VAL B 334 14.77 16.38 29.77
C VAL B 334 14.76 17.25 28.51
N ASP B 335 13.63 17.29 27.82
CA ASP B 335 13.50 18.07 26.60
C ASP B 335 12.04 18.46 26.42
N THR B 336 11.79 19.77 26.24
CA THR B 336 10.45 20.29 26.03
C THR B 336 10.30 20.91 24.65
N GLU B 337 11.09 20.44 23.68
CA GLU B 337 11.04 20.94 22.32
C GLU B 337 10.80 19.85 21.29
N ASN B 338 10.54 18.61 21.72
CA ASN B 338 10.30 17.52 20.78
C ASN B 338 8.98 17.69 20.05
N ALA B 339 8.00 18.34 20.68
CA ALA B 339 6.71 18.53 20.03
C ALA B 339 6.83 19.40 18.78
N ARG B 340 7.62 20.48 18.86
CA ARG B 340 7.80 21.33 17.69
C ARG B 340 8.55 20.59 16.58
N ARG B 341 9.52 19.76 16.95
CA ARG B 341 10.24 18.97 15.95
C ARG B 341 9.31 17.98 15.26
N ILE B 342 8.45 17.32 16.03
CA ILE B 342 7.49 16.38 15.44
C ILE B 342 6.52 17.13 14.53
N PHE B 343 6.08 18.31 14.94
CA PHE B 343 5.17 19.10 14.10
C PHE B 343 5.84 19.51 12.80
N ASN B 344 7.11 19.93 12.86
CA ASN B 344 7.83 20.31 11.65
C ASN B 344 8.04 19.11 10.74
N ASP B 345 8.33 17.94 11.31
CA ASP B 345 8.50 16.74 10.50
C ASP B 345 7.19 16.35 9.83
N VAL B 346 6.07 16.44 10.55
CA VAL B 346 4.77 16.13 9.97
C VAL B 346 4.44 17.10 8.85
N THR B 347 4.74 18.39 9.05
CA THR B 347 4.51 19.38 8.01
C THR B 347 5.36 19.10 6.78
N ASP B 348 6.61 18.70 6.98
CA ASP B 348 7.48 18.37 5.85
C ASP B 348 6.96 17.14 5.10
N ILE B 349 6.47 16.14 5.83
CA ILE B 349 5.91 14.95 5.18
C ILE B 349 4.67 15.32 4.39
N ILE B 350 3.84 16.21 4.94
CA ILE B 350 2.64 16.65 4.22
C ILE B 350 3.02 17.39 2.94
N ILE B 351 4.02 18.28 3.04
CA ILE B 351 4.49 18.99 1.84
C ILE B 351 5.02 18.02 0.80
N LYS B 352 5.79 17.02 1.24
CA LYS B 352 6.35 16.06 0.30
C LYS B 352 5.26 15.23 -0.38
N MET B 353 4.26 14.79 0.38
CA MET B 353 3.20 13.99 -0.22
C MET B 353 2.31 14.84 -1.12
N ASN B 354 2.13 16.12 -0.81
CA ASN B 354 1.37 17.00 -1.70
C ASN B 354 2.13 17.25 -3.00
N LEU B 355 3.45 17.39 -2.91
CA LEU B 355 4.25 17.54 -4.13
C LEU B 355 4.30 16.26 -4.95
N ARG B 356 4.25 15.11 -4.28
CA ARG B 356 4.31 13.83 -5.01
C ARG B 356 2.98 13.52 -5.68
N ASP B 357 1.86 13.73 -4.98
CA ASP B 357 0.56 13.42 -5.57
C ASP B 357 0.21 14.36 -6.72
N CYS B 358 0.70 15.60 -6.68
CA CYS B 358 0.44 16.55 -7.75
C CYS B 358 1.42 16.45 -8.90
N GLY B 359 2.39 15.63 -8.89
CA GLY B 359 3.24 15.56 -10.02
C GLY B 359 4.02 16.80 -10.22
N LEU B 360 4.28 17.53 -9.18
CA LEU B 360 5.10 18.64 -9.42
C LEU B 360 6.37 17.93 -9.14
N PHE B 361 6.38 17.10 -8.12
CA PHE B 361 7.56 16.29 -7.86
C PHE B 361 8.06 15.61 -9.09
N GLN C 17 16.56 -37.45 24.61
CA GLN C 17 15.87 -38.74 24.72
C GLN C 17 14.37 -38.57 24.46
N LEU C 18 13.92 -37.33 24.40
CA LEU C 18 12.51 -37.02 24.18
C LEU C 18 12.27 -36.60 22.73
N ARG C 19 13.19 -35.85 22.13
CA ARG C 19 13.01 -35.41 20.76
C ARG C 19 13.12 -36.56 19.78
N GLN C 20 13.85 -37.61 20.12
CA GLN C 20 13.99 -38.76 19.23
C GLN C 20 12.65 -39.47 19.06
N GLU C 21 11.88 -39.63 20.15
CA GLU C 21 10.57 -40.24 20.04
C GLU C 21 9.64 -39.40 19.18
N ALA C 22 9.68 -38.08 19.36
CA ALA C 22 8.84 -37.20 18.56
C ALA C 22 9.19 -37.28 17.08
N GLU C 23 10.49 -37.27 16.75
CA GLU C 23 10.88 -37.28 15.35
C GLU C 23 10.59 -38.63 14.71
N GLN C 24 10.77 -39.73 15.46
CA GLN C 24 10.45 -41.04 14.89
C GLN C 24 8.94 -41.21 14.72
N LEU C 25 8.14 -40.64 15.61
CA LEU C 25 6.69 -40.70 15.44
C LEU C 25 6.25 -39.85 14.24
N LYS C 26 6.89 -38.69 14.04
CA LYS C 26 6.59 -37.88 12.87
C LYS C 26 6.97 -38.60 11.59
N ASN C 27 8.12 -39.29 11.59
CA ASN C 27 8.50 -40.07 10.42
C ASN C 27 7.53 -41.21 10.16
N GLN C 28 7.06 -41.87 11.22
CA GLN C 28 6.08 -42.93 11.05
C GLN C 28 4.77 -42.39 10.49
N ILE C 29 4.33 -41.23 10.96
CA ILE C 29 3.10 -40.62 10.44
C ILE C 29 3.27 -40.24 8.99
N ARG C 30 4.45 -39.70 8.62
CA ARG C 30 4.71 -39.36 7.23
C ARG C 30 4.70 -40.59 6.35
N ASP C 31 5.31 -41.68 6.81
CA ASP C 31 5.31 -42.91 6.03
C ASP C 31 3.90 -43.48 5.89
N ALA C 32 3.09 -43.39 6.95
CA ALA C 32 1.71 -43.87 6.87
C ALA C 32 0.89 -43.04 5.90
N ARG C 33 1.11 -41.72 5.88
CA ARG C 33 0.40 -40.86 4.94
C ARG C 33 0.86 -41.13 3.50
N LYS C 34 2.16 -41.39 3.31
CA LYS C 34 2.66 -41.68 1.97
C LYS C 34 2.16 -43.03 1.46
N ALA C 35 1.99 -44.00 2.37
CA ALA C 35 1.51 -45.31 1.95
C ALA C 35 0.08 -45.25 1.44
N CYS C 36 -0.75 -44.38 2.01
CA CYS C 36 -2.14 -44.24 1.59
C CYS C 36 -2.30 -43.37 0.34
N ALA C 37 -1.20 -42.81 -0.18
CA ALA C 37 -1.25 -41.96 -1.37
C ALA C 37 -1.41 -42.85 -2.60
N ASP C 38 -2.67 -43.20 -2.91
CA ASP C 38 -2.94 -44.04 -4.07
C ASP C 38 -2.74 -43.26 -5.37
N ALA C 39 -3.47 -42.16 -5.54
CA ALA C 39 -3.37 -41.33 -6.73
C ALA C 39 -3.47 -39.88 -6.31
N THR C 40 -3.58 -38.99 -7.29
CA THR C 40 -3.68 -37.56 -7.06
C THR C 40 -5.03 -37.05 -7.55
N LEU C 41 -5.39 -35.85 -7.09
CA LEU C 41 -6.66 -35.25 -7.51
C LEU C 41 -6.65 -34.88 -8.99
N SER C 42 -5.50 -34.47 -9.52
CA SER C 42 -5.42 -34.11 -10.93
C SER C 42 -5.49 -35.33 -11.83
N GLN C 43 -4.99 -36.48 -11.37
CA GLN C 43 -5.02 -37.69 -12.18
C GLN C 43 -6.44 -38.24 -12.30
N ILE C 44 -7.21 -38.21 -11.20
CA ILE C 44 -8.57 -38.71 -11.24
C ILE C 44 -9.47 -37.78 -12.05
N THR C 45 -9.24 -36.47 -11.94
CA THR C 45 -10.04 -35.47 -12.63
C THR C 45 -9.37 -34.98 -13.90
N ASN C 46 -8.64 -35.85 -14.60
CA ASN C 46 -7.94 -35.48 -15.82
C ASN C 46 -8.80 -35.63 -17.06
N ASN C 47 -9.88 -36.40 -17.00
CA ASN C 47 -10.76 -36.67 -18.14
C ASN C 47 -12.15 -36.11 -17.92
N ILE C 48 -12.23 -34.90 -17.37
CA ILE C 48 -13.50 -34.23 -17.14
C ILE C 48 -13.54 -32.93 -17.93
N ASP C 49 -14.74 -32.44 -18.17
CA ASP C 49 -14.91 -31.20 -18.91
C ASP C 49 -14.50 -30.02 -18.04
N PRO C 50 -13.66 -29.11 -18.54
CA PRO C 50 -13.25 -27.95 -17.73
C PRO C 50 -14.38 -26.94 -17.59
N VAL C 51 -14.18 -26.01 -16.66
CA VAL C 51 -15.17 -24.97 -16.41
C VAL C 51 -15.12 -23.84 -17.42
N GLY C 52 -14.07 -23.80 -18.26
CA GLY C 52 -13.96 -22.73 -19.23
C GLY C 52 -13.58 -21.41 -18.61
N ARG C 53 -13.80 -20.34 -19.38
CA ARG C 53 -13.47 -18.99 -18.94
C ARG C 53 -14.61 -18.48 -18.06
N ILE C 54 -14.33 -18.29 -16.78
CA ILE C 54 -15.31 -17.78 -15.81
C ILE C 54 -15.05 -16.28 -15.69
N GLN C 55 -15.77 -15.50 -16.48
CA GLN C 55 -15.65 -14.05 -16.49
C GLN C 55 -16.77 -13.44 -15.67
N MET C 56 -16.42 -12.62 -14.70
CA MET C 56 -17.38 -11.95 -13.84
C MET C 56 -17.33 -10.44 -14.06
N ARG C 57 -18.47 -9.79 -13.86
CA ARG C 57 -18.61 -8.35 -14.05
C ARG C 57 -19.05 -7.70 -12.75
N THR C 58 -18.68 -6.43 -12.58
CA THR C 58 -19.04 -5.67 -11.40
C THR C 58 -20.48 -5.21 -11.50
N ARG C 59 -21.30 -5.58 -10.53
CA ARG C 59 -22.71 -5.21 -10.49
C ARG C 59 -22.99 -4.03 -9.57
N ARG C 60 -22.41 -4.00 -8.37
CA ARG C 60 -22.62 -2.94 -7.40
C ARG C 60 -21.27 -2.44 -6.89
N THR C 61 -21.19 -1.14 -6.67
CA THR C 61 -19.98 -0.50 -6.14
C THR C 61 -20.34 0.23 -4.85
N LEU C 62 -19.75 -0.21 -3.74
CA LEU C 62 -20.03 0.35 -2.43
C LEU C 62 -18.96 1.39 -2.09
N ARG C 63 -19.37 2.64 -1.96
CA ARG C 63 -18.48 3.74 -1.62
C ARG C 63 -18.91 4.35 -0.29
N GLY C 64 -17.93 4.86 0.46
CA GLY C 64 -18.22 5.48 1.75
C GLY C 64 -17.15 5.22 2.79
N HIS C 65 -16.30 4.22 2.54
CA HIS C 65 -15.23 3.91 3.47
C HIS C 65 -14.18 5.02 3.47
N LEU C 66 -13.55 5.24 4.63
CA LEU C 66 -12.54 6.27 4.79
C LEU C 66 -11.13 5.72 4.80
N ALA C 67 -10.87 4.73 5.64
CA ALA C 67 -9.57 4.08 5.73
C ALA C 67 -9.57 2.79 4.92
N LYS C 68 -8.48 2.05 5.00
CA LYS C 68 -8.37 0.80 4.23
C LYS C 68 -9.24 -0.28 4.85
N ILE C 69 -9.93 -1.03 3.98
CA ILE C 69 -10.78 -2.12 4.42
C ILE C 69 -9.91 -3.34 4.73
N TYR C 70 -10.24 -4.04 5.81
CA TYR C 70 -9.44 -5.18 6.25
C TYR C 70 -10.19 -6.50 6.19
N ALA C 71 -11.49 -6.51 6.46
CA ALA C 71 -12.25 -7.75 6.46
C ALA C 71 -13.73 -7.45 6.23
N MET C 72 -14.46 -8.49 5.85
CA MET C 72 -15.90 -8.38 5.63
C MET C 72 -16.53 -9.74 5.93
N HIS C 73 -17.87 -9.74 6.01
CA HIS C 73 -18.61 -10.95 6.31
C HIS C 73 -20.05 -10.79 5.83
N TRP C 74 -20.54 -11.77 5.08
CA TRP C 74 -21.91 -11.76 4.60
C TRP C 74 -22.86 -12.24 5.69
N GLY C 75 -24.16 -12.11 5.42
CA GLY C 75 -25.20 -12.57 6.30
C GLY C 75 -25.91 -13.79 5.75
N THR C 76 -26.70 -14.42 6.62
CA THR C 76 -27.44 -15.62 6.22
C THR C 76 -28.58 -15.30 5.27
N ASP C 77 -29.07 -14.06 5.26
CA ASP C 77 -30.14 -13.65 4.38
C ASP C 77 -29.65 -13.22 3.00
N SER C 78 -28.34 -13.17 2.79
CA SER C 78 -27.72 -12.77 1.53
C SER C 78 -28.13 -11.36 1.09
N ARG C 79 -28.51 -10.51 2.04
CA ARG C 79 -28.93 -9.15 1.76
C ARG C 79 -28.01 -8.12 2.39
N LEU C 80 -27.74 -8.24 3.70
CA LEU C 80 -26.89 -7.30 4.41
C LEU C 80 -25.56 -7.95 4.75
N LEU C 81 -24.50 -7.14 4.72
CA LEU C 81 -23.17 -7.60 5.04
C LEU C 81 -22.47 -6.56 5.93
N VAL C 82 -21.45 -7.02 6.64
CA VAL C 82 -20.68 -6.17 7.54
C VAL C 82 -19.26 -6.07 7.00
N SER C 83 -18.63 -4.92 7.23
CA SER C 83 -17.26 -4.67 6.80
C SER C 83 -16.53 -3.93 7.90
N ALA C 84 -15.20 -4.04 7.87
CA ALA C 84 -14.33 -3.42 8.87
C ALA C 84 -13.42 -2.42 8.18
N SER C 85 -13.48 -1.16 8.62
CA SER C 85 -12.62 -0.11 8.11
C SER C 85 -11.87 0.53 9.26
N GLN C 86 -10.58 0.79 9.06
CA GLN C 86 -9.71 1.27 10.13
C GLN C 86 -9.97 2.73 10.51
N ASP C 87 -10.99 3.39 9.99
CA ASP C 87 -11.31 4.75 10.41
C ASP C 87 -12.15 4.80 11.67
N GLY C 88 -12.50 3.65 12.24
CA GLY C 88 -13.28 3.61 13.47
C GLY C 88 -14.78 3.69 13.22
N LYS C 89 -15.26 2.89 12.28
CA LYS C 89 -16.69 2.88 11.94
C LYS C 89 -17.02 1.60 11.20
N LEU C 90 -18.09 0.93 11.64
CA LEU C 90 -18.60 -0.26 10.99
C LEU C 90 -19.88 0.09 10.26
N ILE C 91 -19.94 -0.25 8.97
CA ILE C 91 -21.08 0.09 8.11
C ILE C 91 -21.74 -1.20 7.67
N ILE C 92 -23.06 -1.26 7.80
CA ILE C 92 -23.85 -2.39 7.32
C ILE C 92 -24.28 -2.08 5.89
N TRP C 93 -23.74 -2.84 4.94
CA TRP C 93 -23.97 -2.58 3.52
C TRP C 93 -25.05 -3.49 2.97
N ASP C 94 -25.93 -2.92 2.16
CA ASP C 94 -26.97 -3.68 1.48
C ASP C 94 -26.49 -4.09 0.09
N SER C 95 -26.67 -5.38 -0.23
CA SER C 95 -26.22 -5.88 -1.51
C SER C 95 -27.14 -5.52 -2.65
N TYR C 96 -28.39 -5.15 -2.37
CA TYR C 96 -29.38 -4.85 -3.40
C TYR C 96 -29.50 -3.36 -3.69
N THR C 97 -29.76 -2.54 -2.66
CA THR C 97 -29.95 -1.11 -2.83
C THR C 97 -28.70 -0.30 -2.56
N THR C 98 -27.62 -0.93 -2.10
CA THR C 98 -26.35 -0.25 -1.81
C THR C 98 -26.54 0.91 -0.85
N ASN C 99 -27.46 0.76 0.10
CA ASN C 99 -27.74 1.79 1.10
C ASN C 99 -27.14 1.39 2.44
N LYS C 100 -26.64 2.38 3.18
CA LYS C 100 -26.06 2.15 4.49
C LYS C 100 -27.18 2.04 5.51
N VAL C 101 -27.20 0.94 6.26
CA VAL C 101 -28.27 0.65 7.20
C VAL C 101 -27.90 1.09 8.62
N HIS C 102 -26.69 0.75 9.07
CA HIS C 102 -26.26 1.08 10.41
C HIS C 102 -24.82 1.60 10.37
N ALA C 103 -24.51 2.51 11.29
CA ALA C 103 -23.16 3.06 11.45
C ALA C 103 -22.78 2.91 12.91
N ILE C 104 -21.85 2.01 13.19
CA ILE C 104 -21.44 1.68 14.56
C ILE C 104 -20.08 2.34 14.82
N PRO C 105 -19.98 3.27 15.76
CA PRO C 105 -18.67 3.85 16.09
C PRO C 105 -17.88 2.90 16.99
N LEU C 106 -16.61 2.71 16.66
CA LEU C 106 -15.73 1.81 17.40
C LEU C 106 -14.84 2.61 18.34
N ARG C 107 -14.60 2.06 19.53
CA ARG C 107 -13.70 2.69 20.48
C ARG C 107 -12.24 2.55 20.04
N SER C 108 -11.93 1.52 19.27
CA SER C 108 -10.59 1.30 18.75
C SER C 108 -10.61 1.43 17.24
N SER C 109 -9.73 2.28 16.71
CA SER C 109 -9.70 2.53 15.27
C SER C 109 -9.02 1.41 14.50
N TRP C 110 -8.05 0.72 15.11
CA TRP C 110 -7.30 -0.33 14.44
C TRP C 110 -8.11 -1.63 14.48
N VAL C 111 -9.00 -1.78 13.50
CA VAL C 111 -9.82 -2.96 13.37
C VAL C 111 -9.22 -3.87 12.31
N MET C 112 -9.35 -5.18 12.53
CA MET C 112 -8.81 -6.18 11.62
C MET C 112 -9.81 -7.25 11.20
N THR C 113 -10.96 -7.36 11.86
CA THR C 113 -11.92 -8.39 11.53
C THR C 113 -13.32 -7.92 11.92
N CYS C 114 -14.32 -8.59 11.36
CA CYS C 114 -15.72 -8.31 11.67
C CYS C 114 -16.53 -9.56 11.38
N ALA C 115 -17.62 -9.73 12.13
CA ALA C 115 -18.46 -10.90 12.01
C ALA C 115 -19.92 -10.50 12.07
N TYR C 116 -20.78 -11.39 11.58
CA TYR C 116 -22.22 -11.19 11.57
C TYR C 116 -22.89 -12.43 12.14
N ALA C 117 -23.78 -12.23 13.11
CA ALA C 117 -24.46 -13.35 13.72
C ALA C 117 -25.40 -14.02 12.72
N PRO C 118 -25.60 -15.34 12.85
CA PRO C 118 -26.53 -16.02 11.92
C PRO C 118 -27.95 -15.49 11.99
N SER C 119 -28.42 -15.12 13.19
CA SER C 119 -29.75 -14.56 13.35
C SER C 119 -29.82 -13.10 12.94
N GLY C 120 -28.69 -12.45 12.72
CA GLY C 120 -28.68 -11.04 12.33
C GLY C 120 -28.96 -10.08 13.45
N ASN C 121 -28.55 -10.41 14.68
CA ASN C 121 -28.80 -9.56 15.84
C ASN C 121 -27.54 -9.01 16.47
N TYR C 122 -26.38 -9.61 16.22
CA TYR C 122 -25.13 -9.18 16.82
C TYR C 122 -24.03 -9.12 15.77
N VAL C 123 -23.03 -8.28 16.02
CA VAL C 123 -21.89 -8.14 15.13
C VAL C 123 -20.62 -8.06 15.97
N ALA C 124 -19.59 -8.80 15.57
CA ALA C 124 -18.33 -8.83 16.29
C ALA C 124 -17.29 -7.98 15.57
N CYS C 125 -16.27 -7.57 16.32
CA CYS C 125 -15.18 -6.79 15.78
C CYS C 125 -13.99 -6.85 16.74
N GLY C 126 -12.80 -6.77 16.19
CA GLY C 126 -11.59 -6.81 17.00
C GLY C 126 -10.42 -6.25 16.22
N GLY C 127 -9.27 -6.22 16.89
CA GLY C 127 -8.06 -5.69 16.26
C GLY C 127 -6.84 -5.77 17.16
N LEU C 128 -6.06 -4.68 17.20
CA LEU C 128 -4.88 -4.66 18.05
C LEU C 128 -5.25 -4.79 19.52
N ASP C 129 -6.38 -4.21 19.92
CA ASP C 129 -6.88 -4.41 21.27
C ASP C 129 -7.31 -5.86 21.46
N ASN C 130 -7.00 -6.42 22.63
CA ASN C 130 -7.28 -7.82 22.89
C ASN C 130 -8.73 -8.03 23.33
N ILE C 131 -9.67 -7.50 22.56
CA ILE C 131 -11.09 -7.60 22.87
C ILE C 131 -11.86 -7.78 21.57
N CYS C 132 -12.60 -8.88 21.45
CA CYS C 132 -13.52 -9.09 20.34
C CYS C 132 -14.89 -8.59 20.78
N SER C 133 -15.14 -7.30 20.56
CA SER C 133 -16.37 -6.68 21.05
C SER C 133 -17.57 -7.13 20.23
N ILE C 134 -18.70 -7.35 20.91
CA ILE C 134 -19.96 -7.72 20.29
C ILE C 134 -20.94 -6.56 20.49
N TYR C 135 -21.55 -6.11 19.40
CA TYR C 135 -22.53 -5.04 19.42
C TYR C 135 -23.88 -5.56 18.95
N ASN C 136 -24.94 -5.15 19.62
CA ASN C 136 -26.29 -5.57 19.29
C ASN C 136 -26.90 -4.63 18.25
N LEU C 137 -27.78 -5.19 17.42
CA LEU C 137 -28.44 -4.43 16.36
C LEU C 137 -29.96 -4.44 16.46
N LYS C 138 -30.54 -5.26 17.33
CA LYS C 138 -32.00 -5.37 17.46
C LYS C 138 -32.45 -5.01 18.88
N THR C 139 -31.74 -4.09 19.53
CA THR C 139 -32.13 -3.68 20.87
C THR C 139 -33.37 -2.80 20.84
N ARG C 140 -33.97 -2.63 22.02
CA ARG C 140 -35.18 -1.81 22.11
C ARG C 140 -34.90 -0.32 21.99
N GLU C 141 -33.65 0.10 22.20
CA GLU C 141 -33.29 1.51 22.11
C GLU C 141 -33.21 2.02 20.67
N GLY C 142 -33.23 1.13 19.69
CA GLY C 142 -33.16 1.55 18.29
C GLY C 142 -31.77 1.77 17.74
N ASN C 143 -30.93 2.49 18.46
CA ASN C 143 -29.56 2.76 18.03
C ASN C 143 -28.68 1.57 18.37
N VAL C 144 -27.37 1.72 18.16
CA VAL C 144 -26.40 0.67 18.44
C VAL C 144 -25.57 1.10 19.64
N ARG C 145 -25.36 0.17 20.57
CA ARG C 145 -24.59 0.43 21.77
C ARG C 145 -23.70 -0.77 22.07
N VAL C 146 -22.81 -0.60 23.04
CA VAL C 146 -21.90 -1.67 23.42
C VAL C 146 -22.69 -2.77 24.11
N SER C 147 -22.71 -3.96 23.50
CA SER C 147 -23.45 -5.09 24.06
C SER C 147 -22.59 -5.95 24.97
N ARG C 148 -21.39 -6.32 24.52
CA ARG C 148 -20.51 -7.15 25.33
C ARG C 148 -19.07 -6.92 24.90
N GLU C 149 -18.15 -7.03 25.85
CA GLU C 149 -16.72 -6.90 25.60
C GLU C 149 -16.00 -8.09 26.21
N LEU C 150 -15.35 -8.89 25.37
CA LEU C 150 -14.65 -10.09 25.79
C LEU C 150 -13.17 -9.75 25.94
N ALA C 151 -12.74 -9.50 27.17
CA ALA C 151 -11.36 -9.17 27.48
C ALA C 151 -10.70 -10.34 28.20
N GLY C 152 -9.37 -10.43 28.05
CA GLY C 152 -8.62 -11.50 28.68
C GLY C 152 -7.47 -12.01 27.84
N HIS C 153 -7.49 -11.70 26.54
CA HIS C 153 -6.43 -12.14 25.65
C HIS C 153 -5.16 -11.30 25.86
N THR C 154 -4.04 -11.87 25.43
CA THR C 154 -2.74 -11.20 25.50
C THR C 154 -2.18 -10.89 24.12
N GLY C 155 -2.99 -11.01 23.06
CA GLY C 155 -2.54 -10.73 21.71
C GLY C 155 -3.67 -10.15 20.89
N TYR C 156 -3.29 -9.63 19.73
CA TYR C 156 -4.27 -9.00 18.84
C TYR C 156 -5.21 -10.05 18.24
N LEU C 157 -6.49 -9.73 18.21
CA LEU C 157 -7.49 -10.63 17.63
C LEU C 157 -7.42 -10.57 16.11
N SER C 158 -7.12 -11.71 15.48
CA SER C 158 -7.04 -11.75 14.03
C SER C 158 -8.41 -11.94 13.39
N CYS C 159 -9.25 -12.80 14.00
CA CYS C 159 -10.58 -13.07 13.47
C CYS C 159 -11.40 -13.78 14.53
N CYS C 160 -12.61 -13.28 14.78
CA CYS C 160 -13.55 -13.91 15.69
C CYS C 160 -14.92 -13.94 15.04
N ARG C 161 -15.47 -15.14 14.87
CA ARG C 161 -16.75 -15.36 14.20
C ARG C 161 -17.76 -15.91 15.20
N PHE C 162 -19.02 -15.95 14.77
CA PHE C 162 -20.11 -16.45 15.58
C PHE C 162 -20.46 -17.89 15.20
N LEU C 163 -20.88 -18.66 16.20
CA LEU C 163 -21.40 -20.00 16.00
C LEU C 163 -22.87 -20.13 16.34
N ASP C 164 -23.33 -19.43 17.38
CA ASP C 164 -24.72 -19.45 17.79
C ASP C 164 -24.97 -18.21 18.65
N ASP C 165 -26.13 -18.16 19.29
CA ASP C 165 -26.48 -17.06 20.18
C ASP C 165 -25.95 -17.26 21.59
N ASN C 166 -25.11 -18.24 21.82
CA ASN C 166 -24.58 -18.54 23.15
C ASN C 166 -23.07 -18.59 23.21
N GLN C 167 -22.41 -19.09 22.16
CA GLN C 167 -20.96 -19.23 22.14
C GLN C 167 -20.37 -18.45 20.97
N ILE C 168 -19.11 -18.07 21.12
CA ILE C 168 -18.40 -17.31 20.08
C ILE C 168 -16.92 -17.65 20.16
N VAL C 169 -16.33 -17.98 19.01
CA VAL C 169 -14.92 -18.33 18.95
C VAL C 169 -14.10 -17.07 18.68
N THR C 170 -12.90 -17.02 19.25
CA THR C 170 -11.99 -15.89 19.08
C THR C 170 -10.59 -16.44 18.83
N SER C 171 -9.94 -15.93 17.79
CA SER C 171 -8.57 -16.30 17.44
C SER C 171 -7.67 -15.10 17.68
N SER C 172 -6.73 -15.23 18.61
CA SER C 172 -5.85 -14.15 19.00
C SER C 172 -4.43 -14.42 18.51
N GLY C 173 -3.62 -13.37 18.52
CA GLY C 173 -2.23 -13.45 18.12
C GLY C 173 -1.29 -14.05 19.14
N ASP C 174 -1.82 -14.51 20.28
CA ASP C 174 -1.01 -15.12 21.34
C ASP C 174 -0.93 -16.64 21.20
N THR C 175 -1.02 -17.17 19.98
CA THR C 175 -0.89 -18.59 19.69
C THR C 175 -1.97 -19.44 20.37
N THR C 176 -3.03 -18.81 20.86
CA THR C 176 -4.12 -19.52 21.53
C THR C 176 -5.46 -19.03 21.00
N CYS C 177 -6.44 -19.93 21.01
CA CYS C 177 -7.81 -19.61 20.64
C CYS C 177 -8.71 -19.82 21.85
N ALA C 178 -9.87 -19.16 21.83
CA ALA C 178 -10.76 -19.23 22.98
C ALA C 178 -12.21 -19.18 22.54
N LEU C 179 -13.00 -20.16 22.99
CA LEU C 179 -14.43 -20.18 22.80
C LEU C 179 -15.08 -19.59 24.06
N TRP C 180 -15.65 -18.39 23.92
CA TRP C 180 -16.30 -17.69 25.01
C TRP C 180 -17.80 -17.91 24.98
N ASP C 181 -18.43 -17.70 26.13
CA ASP C 181 -19.88 -17.75 26.26
C ASP C 181 -20.43 -16.33 26.29
N ILE C 182 -21.46 -16.09 25.48
CA ILE C 182 -22.02 -14.75 25.37
C ILE C 182 -22.73 -14.35 26.66
N GLU C 183 -23.36 -15.31 27.35
CA GLU C 183 -24.12 -14.98 28.55
C GLU C 183 -23.21 -14.62 29.71
N THR C 184 -22.11 -15.36 29.89
CA THR C 184 -21.21 -15.13 31.02
C THR C 184 -20.02 -14.26 30.67
N GLY C 185 -19.53 -14.33 29.43
CA GLY C 185 -18.38 -13.53 29.04
C GLY C 185 -17.05 -14.04 29.53
N GLN C 186 -16.98 -15.28 30.00
CA GLN C 186 -15.74 -15.87 30.51
C GLN C 186 -15.24 -16.93 29.53
N GLN C 187 -13.99 -17.35 29.76
CA GLN C 187 -13.35 -18.35 28.90
C GLN C 187 -14.00 -19.70 29.14
N THR C 188 -14.85 -20.13 28.20
CA THR C 188 -15.49 -21.44 28.32
C THR C 188 -14.57 -22.55 27.85
N THR C 189 -13.88 -22.36 26.74
CA THR C 189 -12.95 -23.35 26.22
C THR C 189 -11.69 -22.67 25.73
N THR C 190 -10.54 -23.31 25.93
CA THR C 190 -9.26 -22.77 25.51
C THR C 190 -8.56 -23.75 24.57
N PHE C 191 -7.70 -23.21 23.71
CA PHE C 191 -6.93 -24.00 22.77
C PHE C 191 -5.52 -23.43 22.73
N THR C 192 -4.55 -24.19 23.26
CA THR C 192 -3.16 -23.76 23.36
C THR C 192 -2.24 -24.72 22.60
N GLY C 193 -2.62 -25.09 21.39
CA GLY C 193 -1.83 -26.03 20.60
C GLY C 193 -0.96 -25.36 19.56
N HIS C 194 -1.39 -24.22 19.05
CA HIS C 194 -0.64 -23.52 18.01
C HIS C 194 0.64 -22.92 18.59
N THR C 195 1.67 -22.85 17.75
CA THR C 195 2.95 -22.27 18.13
C THR C 195 3.16 -20.86 17.58
N GLY C 196 2.48 -20.50 16.49
CA GLY C 196 2.57 -19.18 15.90
C GLY C 196 1.29 -18.38 16.08
N ASP C 197 1.36 -17.13 15.65
CA ASP C 197 0.22 -16.22 15.75
C ASP C 197 -0.92 -16.72 14.87
N VAL C 198 -2.05 -17.02 15.49
CA VAL C 198 -3.20 -17.53 14.76
C VAL C 198 -3.70 -16.46 13.79
N MET C 199 -3.59 -16.76 12.49
CA MET C 199 -3.95 -15.79 11.46
C MET C 199 -5.42 -15.88 11.06
N SER C 200 -5.94 -17.09 10.85
CA SER C 200 -7.32 -17.23 10.39
C SER C 200 -7.90 -18.53 10.90
N LEU C 201 -9.23 -18.62 10.80
CA LEU C 201 -9.95 -19.83 11.20
C LEU C 201 -11.23 -19.94 10.41
N SER C 202 -11.65 -21.17 10.16
CA SER C 202 -12.86 -21.44 9.40
C SER C 202 -13.67 -22.51 10.11
N LEU C 203 -14.97 -22.25 10.29
CA LEU C 203 -15.86 -23.15 11.00
C LEU C 203 -16.44 -24.19 10.05
N ALA C 204 -16.76 -25.35 10.60
CA ALA C 204 -17.39 -26.41 9.81
C ALA C 204 -18.89 -26.16 9.69
N PRO C 205 -19.52 -26.68 8.63
CA PRO C 205 -20.97 -26.45 8.47
C PRO C 205 -21.81 -26.99 9.60
N ASP C 206 -21.40 -28.08 10.24
CA ASP C 206 -22.18 -28.67 11.32
C ASP C 206 -21.96 -27.96 12.66
N THR C 207 -21.17 -26.89 12.68
CA THR C 207 -20.91 -26.11 13.91
C THR C 207 -20.34 -27.00 15.02
N ARG C 208 -19.46 -27.93 14.65
CA ARG C 208 -18.82 -28.82 15.60
C ARG C 208 -17.31 -28.81 15.54
N LEU C 209 -16.71 -28.52 14.38
CA LEU C 209 -15.27 -28.48 14.22
C LEU C 209 -14.87 -27.16 13.57
N PHE C 210 -13.58 -26.85 13.66
CA PHE C 210 -13.06 -25.67 12.98
C PHE C 210 -11.57 -25.83 12.74
N VAL C 211 -11.11 -25.37 11.57
CA VAL C 211 -9.71 -25.47 11.16
C VAL C 211 -9.09 -24.09 11.25
N SER C 212 -7.97 -24.00 11.96
CA SER C 212 -7.29 -22.73 12.20
C SER C 212 -5.88 -22.77 11.63
N GLY C 213 -5.50 -21.70 10.94
CA GLY C 213 -4.16 -21.55 10.39
C GLY C 213 -3.45 -20.39 11.06
N ALA C 214 -2.20 -20.64 11.47
CA ALA C 214 -1.39 -19.70 12.22
C ALA C 214 -0.08 -19.43 11.46
N CYS C 215 0.82 -18.71 12.13
CA CYS C 215 2.13 -18.38 11.57
C CYS C 215 3.14 -19.51 11.80
N ASP C 216 2.77 -20.73 11.40
CA ASP C 216 3.67 -21.88 11.56
C ASP C 216 3.67 -22.78 10.33
N ALA C 217 3.17 -22.30 9.20
CA ALA C 217 3.10 -23.08 7.96
C ALA C 217 2.34 -24.39 8.17
N SER C 218 1.30 -24.34 8.99
CA SER C 218 0.52 -25.52 9.31
C SER C 218 -0.86 -25.11 9.79
N ALA C 219 -1.82 -26.01 9.60
CA ALA C 219 -3.19 -25.82 10.06
C ALA C 219 -3.54 -26.91 11.07
N LYS C 220 -4.48 -26.60 11.96
CA LYS C 220 -4.89 -27.53 13.00
C LYS C 220 -6.40 -27.56 13.10
N LEU C 221 -6.95 -28.77 13.25
CA LEU C 221 -8.38 -28.97 13.41
C LEU C 221 -8.72 -29.12 14.89
N TRP C 222 -9.72 -28.37 15.35
CA TRP C 222 -10.14 -28.40 16.73
C TRP C 222 -11.64 -28.62 16.81
N ASP C 223 -12.08 -29.13 17.97
CA ASP C 223 -13.49 -29.39 18.24
C ASP C 223 -14.00 -28.40 19.26
N VAL C 224 -15.25 -27.95 19.07
CA VAL C 224 -15.85 -27.00 20.00
C VAL C 224 -16.27 -27.67 21.30
N ARG C 225 -16.44 -28.98 21.30
CA ARG C 225 -16.88 -29.71 22.49
C ARG C 225 -15.74 -30.46 23.17
N GLU C 226 -14.84 -31.06 22.38
CA GLU C 226 -13.73 -31.80 22.97
C GLU C 226 -12.60 -30.88 23.43
N GLY C 227 -12.36 -29.80 22.69
CA GLY C 227 -11.32 -28.86 23.05
C GLY C 227 -9.92 -29.38 22.86
N MET C 228 -9.72 -30.31 21.93
CA MET C 228 -8.41 -30.89 21.65
C MET C 228 -8.19 -30.96 20.16
N CYS C 229 -6.92 -30.88 19.75
CA CYS C 229 -6.56 -30.94 18.35
C CYS C 229 -6.41 -32.40 17.93
N ARG C 230 -7.18 -32.81 16.93
CA ARG C 230 -7.15 -34.19 16.44
C ARG C 230 -6.32 -34.35 15.17
N GLN C 231 -6.29 -33.33 14.31
CA GLN C 231 -5.58 -33.40 13.04
C GLN C 231 -4.73 -32.16 12.84
N THR C 232 -3.54 -32.35 12.27
CA THR C 232 -2.61 -31.27 11.97
C THR C 232 -2.07 -31.48 10.57
N PHE C 233 -2.21 -30.46 9.72
CA PHE C 233 -1.80 -30.53 8.33
C PHE C 233 -0.62 -29.59 8.11
N THR C 234 0.41 -30.10 7.43
CA THR C 234 1.61 -29.34 7.11
C THR C 234 1.87 -29.42 5.62
N GLY C 235 2.88 -28.67 5.17
CA GLY C 235 3.26 -28.68 3.77
C GLY C 235 3.60 -27.32 3.21
N HIS C 236 3.07 -26.27 3.83
CA HIS C 236 3.33 -24.92 3.37
C HIS C 236 4.77 -24.51 3.66
N GLU C 237 5.21 -23.46 2.97
CA GLU C 237 6.56 -22.93 3.12
C GLU C 237 6.62 -21.59 3.83
N SER C 238 5.48 -20.99 4.13
CA SER C 238 5.45 -19.69 4.81
C SER C 238 4.20 -19.64 5.68
N ASP C 239 3.93 -18.47 6.27
CA ASP C 239 2.79 -18.32 7.15
C ASP C 239 1.48 -18.32 6.35
N ILE C 240 0.51 -19.08 6.84
CA ILE C 240 -0.80 -19.15 6.22
C ILE C 240 -1.59 -17.91 6.63
N ASN C 241 -2.15 -17.21 5.64
CA ASN C 241 -2.88 -15.97 5.88
C ASN C 241 -4.39 -16.16 5.98
N ALA C 242 -4.97 -17.01 5.13
CA ALA C 242 -6.41 -17.22 5.11
C ALA C 242 -6.71 -18.71 5.00
N ILE C 243 -7.95 -19.07 5.31
CA ILE C 243 -8.40 -20.45 5.28
C ILE C 243 -9.91 -20.46 5.17
N CYS C 244 -10.43 -21.37 4.34
CA CYS C 244 -11.87 -21.48 4.11
C CYS C 244 -12.25 -22.94 4.07
N PHE C 245 -13.47 -23.23 4.54
CA PHE C 245 -13.98 -24.59 4.59
C PHE C 245 -14.70 -24.94 3.30
N PHE C 246 -14.62 -26.23 2.93
CA PHE C 246 -15.31 -26.71 1.75
C PHE C 246 -16.79 -26.91 2.04
N PRO C 247 -17.67 -26.68 1.06
CA PRO C 247 -19.11 -26.83 1.31
C PRO C 247 -19.52 -28.22 1.79
N ASN C 248 -18.77 -29.26 1.44
CA ASN C 248 -19.12 -30.61 1.88
C ASN C 248 -18.75 -30.88 3.33
N GLY C 249 -17.86 -30.07 3.91
CA GLY C 249 -17.46 -30.26 5.29
C GLY C 249 -16.38 -31.29 5.50
N ASN C 250 -15.56 -31.58 4.49
CA ASN C 250 -14.51 -32.58 4.59
C ASN C 250 -13.13 -32.08 4.20
N ALA C 251 -13.03 -30.94 3.51
CA ALA C 251 -11.74 -30.42 3.07
C ALA C 251 -11.69 -28.93 3.33
N PHE C 252 -10.51 -28.35 3.10
CA PHE C 252 -10.31 -26.92 3.29
C PHE C 252 -9.05 -26.48 2.56
N ALA C 253 -9.09 -25.27 2.01
CA ALA C 253 -7.97 -24.69 1.29
C ALA C 253 -7.27 -23.66 2.16
N THR C 254 -5.94 -23.59 2.02
CA THR C 254 -5.12 -22.68 2.79
C THR C 254 -4.16 -21.96 1.85
N GLY C 255 -4.10 -20.64 1.97
CA GLY C 255 -3.20 -19.81 1.19
C GLY C 255 -2.15 -19.17 2.07
N SER C 256 -0.93 -19.08 1.57
CA SER C 256 0.21 -18.56 2.33
C SER C 256 0.94 -17.51 1.50
N ASP C 257 2.07 -17.05 2.04
CA ASP C 257 2.87 -16.02 1.37
C ASP C 257 3.75 -16.58 0.26
N ASP C 258 3.87 -17.90 0.14
CA ASP C 258 4.70 -18.53 -0.88
C ASP C 258 3.99 -18.64 -2.23
N ALA C 259 2.91 -17.90 -2.43
CA ALA C 259 2.17 -17.87 -3.69
C ALA C 259 1.63 -19.23 -4.09
N THR C 260 1.34 -20.08 -3.11
CA THR C 260 0.81 -21.41 -3.34
C THR C 260 -0.38 -21.66 -2.42
N CYS C 261 -1.44 -22.24 -2.96
CA CYS C 261 -2.62 -22.64 -2.21
C CYS C 261 -2.65 -24.16 -2.13
N ARG C 262 -2.96 -24.68 -0.94
CA ARG C 262 -2.94 -26.12 -0.70
C ARG C 262 -4.29 -26.57 -0.16
N LEU C 263 -4.83 -27.65 -0.72
CA LEU C 263 -6.10 -28.21 -0.30
C LEU C 263 -5.84 -29.45 0.55
N PHE C 264 -6.31 -29.43 1.79
CA PHE C 264 -6.15 -30.54 2.72
C PHE C 264 -7.52 -31.11 3.07
N ASP C 265 -7.64 -32.43 3.01
CA ASP C 265 -8.87 -33.13 3.33
C ASP C 265 -8.80 -33.69 4.75
N LEU C 266 -9.89 -33.51 5.50
CA LEU C 266 -9.93 -34.01 6.87
C LEU C 266 -10.00 -35.53 6.90
N ARG C 267 -10.87 -36.12 6.07
CA ARG C 267 -11.04 -37.57 6.06
C ARG C 267 -9.83 -38.29 5.44
N ALA C 268 -9.06 -37.61 4.61
CA ALA C 268 -7.89 -38.22 3.97
C ALA C 268 -6.59 -37.91 4.70
N ASP C 269 -6.51 -36.76 5.38
CA ASP C 269 -5.32 -36.36 6.14
C ASP C 269 -4.09 -36.29 5.23
N GLN C 270 -4.26 -35.62 4.09
CA GLN C 270 -3.18 -35.45 3.13
C GLN C 270 -3.56 -34.36 2.15
N GLU C 271 -2.56 -33.66 1.62
CA GLU C 271 -2.80 -32.61 0.65
C GLU C 271 -3.35 -33.20 -0.65
N LEU C 272 -4.37 -32.53 -1.20
CA LEU C 272 -5.02 -33.01 -2.41
C LEU C 272 -4.60 -32.22 -3.66
N MET C 273 -4.71 -30.90 -3.62
CA MET C 273 -4.43 -30.07 -4.78
C MET C 273 -3.52 -28.92 -4.39
N THR C 274 -2.66 -28.51 -5.32
CA THR C 274 -1.74 -27.41 -5.14
C THR C 274 -1.91 -26.43 -6.29
N TYR C 275 -2.34 -25.21 -5.96
CA TYR C 275 -2.55 -24.16 -6.95
C TYR C 275 -1.37 -23.19 -6.89
N SER C 276 -0.69 -23.02 -8.02
CA SER C 276 0.46 -22.13 -8.09
C SER C 276 0.73 -21.79 -9.54
N HIS C 277 1.53 -20.75 -9.75
CA HIS C 277 1.88 -20.30 -11.09
C HIS C 277 3.24 -19.64 -11.04
N ASP C 278 3.92 -19.64 -12.19
CA ASP C 278 5.27 -19.09 -12.26
C ASP C 278 5.26 -17.57 -12.15
N ASN C 279 4.29 -16.92 -12.79
CA ASN C 279 4.21 -15.47 -12.78
C ASN C 279 3.63 -14.92 -11.48
N ILE C 280 3.22 -15.76 -10.55
CA ILE C 280 2.66 -15.34 -9.28
C ILE C 280 3.76 -15.43 -8.23
N ILE C 281 4.21 -14.26 -7.75
CA ILE C 281 5.26 -14.20 -6.74
C ILE C 281 4.75 -13.38 -5.55
N CYS C 282 3.44 -13.36 -5.36
CA CYS C 282 2.81 -12.61 -4.28
C CYS C 282 1.98 -13.53 -3.42
N GLY C 283 1.82 -13.14 -2.15
CA GLY C 283 1.12 -13.98 -1.20
C GLY C 283 -0.39 -13.89 -1.33
N ILE C 284 -1.06 -14.89 -0.77
CA ILE C 284 -2.52 -14.97 -0.78
C ILE C 284 -3.04 -14.30 0.49
N THR C 285 -4.07 -13.47 0.33
CA THR C 285 -4.67 -12.74 1.45
C THR C 285 -6.03 -13.28 1.87
N SER C 286 -6.84 -13.73 0.92
CA SER C 286 -8.17 -14.24 1.24
C SER C 286 -8.56 -15.33 0.26
N VAL C 287 -9.25 -16.34 0.77
CA VAL C 287 -9.76 -17.45 -0.04
C VAL C 287 -11.18 -17.77 0.39
N SER C 288 -12.00 -18.16 -0.57
CA SER C 288 -13.40 -18.50 -0.30
C SER C 288 -13.95 -19.32 -1.47
N PHE C 289 -14.75 -20.32 -1.15
CA PHE C 289 -15.37 -21.18 -2.15
C PHE C 289 -16.79 -20.71 -2.45
N SER C 290 -17.31 -21.19 -3.58
CA SER C 290 -18.66 -20.87 -3.99
C SER C 290 -19.65 -21.78 -3.25
N LYS C 291 -20.91 -21.78 -3.69
CA LYS C 291 -21.90 -22.64 -3.06
C LYS C 291 -21.61 -24.11 -3.31
N SER C 292 -21.12 -24.45 -4.50
CA SER C 292 -20.79 -25.83 -4.83
C SER C 292 -19.34 -26.17 -4.51
N GLY C 293 -18.45 -25.19 -4.49
CA GLY C 293 -17.05 -25.43 -4.21
C GLY C 293 -16.19 -25.76 -5.42
N ARG C 294 -16.74 -25.65 -6.63
CA ARG C 294 -15.96 -25.96 -7.82
C ARG C 294 -14.92 -24.89 -8.11
N LEU C 295 -15.25 -23.63 -7.84
CA LEU C 295 -14.35 -22.51 -8.10
C LEU C 295 -13.88 -21.90 -6.77
N LEU C 296 -12.58 -21.62 -6.69
CA LEU C 296 -11.98 -21.02 -5.51
C LEU C 296 -11.41 -19.66 -5.90
N LEU C 297 -11.93 -18.60 -5.29
CA LEU C 297 -11.47 -17.24 -5.54
C LEU C 297 -10.42 -16.87 -4.51
N ALA C 298 -9.21 -16.57 -4.96
CA ALA C 298 -8.10 -16.23 -4.08
C ALA C 298 -7.59 -14.84 -4.42
N GLY C 299 -7.48 -14.00 -3.40
CA GLY C 299 -6.97 -12.65 -3.57
C GLY C 299 -5.46 -12.61 -3.38
N TYR C 300 -4.78 -11.92 -4.28
CA TYR C 300 -3.33 -11.83 -4.28
C TYR C 300 -2.91 -10.36 -4.12
N ASP C 301 -1.60 -10.16 -3.92
CA ASP C 301 -1.04 -8.83 -3.76
C ASP C 301 -0.77 -8.14 -5.09
N ASP C 302 -1.03 -8.78 -6.21
CA ASP C 302 -0.82 -8.20 -7.53
C ASP C 302 -2.02 -7.41 -8.02
N PHE C 303 -2.87 -6.94 -7.11
CA PHE C 303 -4.08 -6.14 -7.37
C PHE C 303 -5.17 -6.95 -8.07
N ASN C 304 -4.96 -8.24 -8.33
CA ASN C 304 -5.93 -9.06 -9.02
C ASN C 304 -6.32 -10.25 -8.16
N CYS C 305 -7.48 -10.83 -8.46
CA CYS C 305 -7.98 -12.03 -7.81
C CYS C 305 -8.10 -13.14 -8.85
N ASN C 306 -7.66 -14.33 -8.48
CA ASN C 306 -7.62 -15.47 -9.39
C ASN C 306 -8.66 -16.50 -9.01
N VAL C 307 -9.36 -17.03 -10.01
CA VAL C 307 -10.36 -18.08 -9.81
C VAL C 307 -9.74 -19.39 -10.29
N TRP C 308 -9.51 -20.30 -9.35
CA TRP C 308 -8.92 -21.60 -9.66
C TRP C 308 -10.00 -22.68 -9.64
N ASP C 309 -9.76 -23.73 -10.42
CA ASP C 309 -10.67 -24.87 -10.48
C ASP C 309 -10.29 -25.87 -9.41
N ALA C 310 -11.27 -26.27 -8.58
CA ALA C 310 -11.00 -27.21 -7.50
C ALA C 310 -10.64 -28.60 -8.02
N LEU C 311 -10.99 -28.92 -9.26
CA LEU C 311 -10.70 -30.24 -9.82
C LEU C 311 -9.67 -30.20 -10.94
N LYS C 312 -9.56 -29.09 -11.67
CA LYS C 312 -8.60 -28.98 -12.77
C LYS C 312 -7.36 -28.17 -12.41
N ALA C 313 -7.41 -27.38 -11.35
CA ALA C 313 -6.28 -26.55 -10.91
C ALA C 313 -5.82 -25.61 -12.02
N ASP C 314 -6.79 -24.97 -12.68
CA ASP C 314 -6.53 -24.05 -13.76
C ASP C 314 -7.15 -22.70 -13.48
N ARG C 315 -6.50 -21.63 -13.95
CA ARG C 315 -7.00 -20.29 -13.76
C ARG C 315 -8.26 -20.08 -14.59
N ALA C 316 -9.39 -19.86 -13.91
CA ALA C 316 -10.67 -19.71 -14.59
C ALA C 316 -11.02 -18.26 -14.87
N GLY C 317 -10.60 -17.33 -14.02
CA GLY C 317 -10.94 -15.93 -14.22
C GLY C 317 -10.01 -15.03 -13.46
N VAL C 318 -9.83 -13.81 -13.96
CA VAL C 318 -8.97 -12.80 -13.36
C VAL C 318 -9.81 -11.56 -13.09
N LEU C 319 -9.73 -11.06 -11.86
CA LEU C 319 -10.46 -9.87 -11.43
C LEU C 319 -9.44 -8.76 -11.16
N ALA C 320 -9.44 -7.75 -12.03
CA ALA C 320 -8.51 -6.62 -11.93
C ALA C 320 -9.27 -5.32 -11.68
N GLY C 321 -10.28 -5.37 -10.81
CA GLY C 321 -11.06 -4.18 -10.52
C GLY C 321 -10.47 -3.28 -9.45
N HIS C 322 -9.70 -3.83 -8.52
CA HIS C 322 -9.09 -3.06 -7.46
C HIS C 322 -7.68 -2.62 -7.84
N ASP C 323 -7.29 -1.44 -7.36
CA ASP C 323 -5.98 -0.87 -7.65
C ASP C 323 -5.03 -0.96 -6.46
N ASN C 324 -5.42 -1.66 -5.40
CA ASN C 324 -4.59 -1.82 -4.20
C ASN C 324 -4.62 -3.28 -3.78
N ARG C 325 -3.96 -3.57 -2.65
CA ARG C 325 -3.86 -4.94 -2.15
C ARG C 325 -5.23 -5.46 -1.76
N VAL C 326 -5.64 -6.57 -2.36
CA VAL C 326 -6.91 -7.20 -2.01
C VAL C 326 -6.82 -7.73 -0.59
N SER C 327 -7.78 -7.32 0.26
CA SER C 327 -7.76 -7.68 1.67
C SER C 327 -8.76 -8.78 2.01
N CYS C 328 -10.02 -8.62 1.60
CA CYS C 328 -11.07 -9.55 1.98
C CYS C 328 -11.88 -9.95 0.76
N LEU C 329 -12.33 -11.21 0.77
CA LEU C 329 -13.17 -11.75 -0.30
C LEU C 329 -14.19 -12.68 0.32
N GLY C 330 -15.47 -12.43 0.01
CA GLY C 330 -16.53 -13.22 0.60
C GLY C 330 -17.60 -13.64 -0.40
N VAL C 331 -17.94 -14.93 -0.40
CA VAL C 331 -18.97 -15.47 -1.26
C VAL C 331 -20.25 -15.63 -0.45
N THR C 332 -21.39 -15.33 -1.06
CA THR C 332 -22.67 -15.43 -0.38
C THR C 332 -23.00 -16.90 -0.08
N ASP C 333 -24.01 -17.09 0.76
CA ASP C 333 -24.43 -18.45 1.12
C ASP C 333 -25.00 -19.19 -0.07
N ASP C 334 -25.62 -18.49 -1.01
CA ASP C 334 -26.17 -19.10 -2.21
C ASP C 334 -25.24 -18.96 -3.42
N GLY C 335 -24.10 -18.30 -3.26
CA GLY C 335 -23.17 -18.15 -4.37
C GLY C 335 -23.64 -17.25 -5.47
N MET C 336 -24.47 -16.25 -5.16
CA MET C 336 -25.00 -15.36 -6.18
C MET C 336 -23.96 -14.33 -6.62
N ALA C 337 -23.19 -13.79 -5.68
CA ALA C 337 -22.20 -12.79 -5.99
C ALA C 337 -21.05 -12.89 -4.99
N VAL C 338 -19.96 -12.20 -5.29
CA VAL C 338 -18.76 -12.20 -4.45
C VAL C 338 -18.40 -10.75 -4.13
N ALA C 339 -18.24 -10.45 -2.84
CA ALA C 339 -17.87 -9.12 -2.38
C ALA C 339 -16.36 -9.09 -2.11
N THR C 340 -15.66 -8.16 -2.77
CA THR C 340 -14.23 -8.01 -2.64
C THR C 340 -13.91 -6.63 -2.09
N GLY C 341 -13.05 -6.59 -1.07
CA GLY C 341 -12.63 -5.34 -0.48
C GLY C 341 -11.13 -5.23 -0.36
N SER C 342 -10.58 -4.09 -0.77
CA SER C 342 -9.15 -3.84 -0.77
C SER C 342 -8.83 -2.62 0.07
N TRP C 343 -7.55 -2.23 0.06
CA TRP C 343 -7.12 -1.05 0.80
C TRP C 343 -7.56 0.26 0.15
N ASP C 344 -8.14 0.21 -1.03
CA ASP C 344 -8.64 1.41 -1.71
C ASP C 344 -9.94 1.93 -1.12
N SER C 345 -10.45 1.31 -0.04
CA SER C 345 -11.69 1.71 0.61
C SER C 345 -12.88 1.63 -0.33
N PHE C 346 -12.98 0.51 -1.06
CA PHE C 346 -14.10 0.25 -1.95
C PHE C 346 -14.47 -1.22 -1.89
N LEU C 347 -15.76 -1.49 -1.71
CA LEU C 347 -16.31 -2.84 -1.74
C LEU C 347 -16.99 -3.05 -3.09
N LYS C 348 -16.52 -4.04 -3.85
CA LYS C 348 -17.03 -4.31 -5.18
C LYS C 348 -17.73 -5.66 -5.22
N ILE C 349 -18.93 -5.69 -5.79
CA ILE C 349 -19.71 -6.91 -5.93
C ILE C 349 -19.53 -7.42 -7.36
N TRP C 350 -19.08 -8.67 -7.49
CA TRP C 350 -18.85 -9.29 -8.78
C TRP C 350 -19.81 -10.45 -8.97
N ASN C 351 -20.30 -10.60 -10.20
CA ASN C 351 -21.24 -11.68 -10.53
C ASN C 351 -20.91 -12.24 -11.91
N GLN D 23 7.21 -30.05 5.20
CA GLN D 23 7.39 -29.44 6.51
C GLN D 23 8.75 -28.74 6.59
N VAL D 24 8.77 -27.57 7.22
CA VAL D 24 10.00 -26.82 7.37
C VAL D 24 10.95 -27.56 8.31
N GLN D 25 12.18 -27.76 7.86
CA GLN D 25 13.18 -28.46 8.66
C GLN D 25 14.55 -27.85 8.41
N LEU D 26 15.26 -27.49 9.47
CA LEU D 26 16.60 -26.94 9.40
C LEU D 26 17.50 -27.72 10.34
N GLN D 27 18.51 -28.39 9.78
CA GLN D 27 19.43 -29.21 10.54
C GLN D 27 20.82 -28.58 10.49
N GLU D 28 21.32 -28.14 11.64
CA GLU D 28 22.63 -27.53 11.75
C GLU D 28 23.61 -28.51 12.36
N SER D 29 24.85 -28.50 11.87
CA SER D 29 25.88 -29.39 12.38
C SER D 29 27.24 -28.77 12.14
N GLY D 30 28.26 -29.40 12.72
CA GLY D 30 29.64 -28.94 12.58
C GLY D 30 30.21 -28.24 13.79
N GLY D 31 29.51 -28.21 14.92
CA GLY D 31 29.99 -27.55 16.12
C GLY D 31 30.99 -28.38 16.89
N GLY D 32 31.03 -28.18 18.20
CA GLY D 32 31.93 -28.88 19.07
C GLY D 32 32.79 -27.93 19.89
N LEU D 33 33.63 -28.52 20.73
CA LEU D 33 34.54 -27.77 21.58
C LEU D 33 35.89 -27.62 20.89
N VAL D 34 36.36 -26.39 20.77
CA VAL D 34 37.62 -26.09 20.11
C VAL D 34 38.32 -24.98 20.88
N GLN D 35 39.65 -25.05 20.93
CA GLN D 35 40.42 -24.02 21.63
C GLN D 35 40.33 -22.69 20.87
N PRO D 36 40.44 -21.57 21.58
CA PRO D 36 40.38 -20.26 20.91
C PRO D 36 41.53 -20.10 19.92
N GLY D 37 41.18 -19.64 18.72
CA GLY D 37 42.14 -19.46 17.65
C GLY D 37 41.96 -20.41 16.48
N GLY D 38 41.16 -21.46 16.63
CA GLY D 38 40.94 -22.42 15.57
C GLY D 38 39.84 -21.98 14.62
N SER D 39 39.53 -22.88 13.68
CA SER D 39 38.51 -22.63 12.67
C SER D 39 37.49 -23.75 12.70
N LEU D 40 36.24 -23.40 12.36
CA LEU D 40 35.15 -24.36 12.32
C LEU D 40 34.35 -24.17 11.03
N ARG D 41 33.62 -25.22 10.66
CA ARG D 41 32.82 -25.25 9.43
C ARG D 41 31.41 -25.71 9.80
N LEU D 42 30.49 -24.76 9.93
CA LEU D 42 29.10 -25.07 10.26
C LEU D 42 28.30 -25.27 8.98
N SER D 43 27.54 -26.36 8.93
CA SER D 43 26.72 -26.70 7.77
C SER D 43 25.27 -26.77 8.19
N CYS D 44 24.40 -26.07 7.45
CA CYS D 44 22.97 -26.06 7.70
C CYS D 44 22.25 -26.60 6.47
N ALA D 45 21.47 -27.65 6.66
CA ALA D 45 20.69 -28.27 5.60
C ALA D 45 19.22 -27.90 5.78
N ALA D 46 18.59 -27.47 4.70
CA ALA D 46 17.19 -27.07 4.70
C ALA D 46 16.36 -28.09 3.93
N SER D 47 15.12 -28.31 4.41
CA SER D 47 14.21 -29.23 3.76
C SER D 47 12.78 -28.76 3.96
N GLY D 48 11.96 -28.93 2.93
CA GLY D 48 10.57 -28.55 2.97
C GLY D 48 10.23 -27.25 2.28
N PHE D 49 11.22 -26.54 1.73
CA PHE D 49 10.97 -25.28 1.05
C PHE D 49 12.11 -25.02 0.09
N THR D 50 11.90 -24.03 -0.79
CA THR D 50 12.91 -23.65 -1.77
C THR D 50 14.03 -22.88 -1.09
N PHE D 51 15.25 -23.40 -1.20
CA PHE D 51 16.40 -22.77 -0.55
C PHE D 51 16.86 -21.52 -1.30
N SER D 52 16.67 -21.46 -2.61
CA SER D 52 17.15 -20.37 -3.43
C SER D 52 16.18 -19.20 -3.51
N ASN D 53 14.99 -19.32 -2.92
CA ASN D 53 13.98 -18.27 -2.99
C ASN D 53 13.70 -17.63 -1.63
N TYR D 54 14.66 -17.69 -0.71
CA TYR D 54 14.48 -17.10 0.62
C TYR D 54 15.80 -16.58 1.14
N LYS D 55 15.72 -15.55 1.97
CA LYS D 55 16.88 -14.95 2.60
C LYS D 55 17.23 -15.72 3.88
N MET D 56 18.54 -15.87 4.13
CA MET D 56 19.03 -16.64 5.26
C MET D 56 19.79 -15.74 6.23
N ASN D 57 19.73 -16.09 7.51
CA ASN D 57 20.39 -15.35 8.57
C ASN D 57 21.01 -16.33 9.56
N TRP D 58 22.17 -15.95 10.10
CA TRP D 58 22.82 -16.68 11.18
C TRP D 58 22.89 -15.79 12.40
N VAL D 59 22.36 -16.27 13.53
CA VAL D 59 22.35 -15.53 14.77
C VAL D 59 22.99 -16.40 15.85
N ARG D 60 23.28 -15.78 16.99
CA ARG D 60 23.92 -16.46 18.11
C ARG D 60 23.21 -16.11 19.41
N GLN D 61 23.30 -17.03 20.37
CA GLN D 61 22.72 -16.84 21.70
C GLN D 61 23.74 -17.28 22.74
N ALA D 62 24.13 -16.38 23.63
CA ALA D 62 25.09 -16.67 24.67
C ALA D 62 24.40 -16.80 26.02
N PRO D 63 24.96 -17.62 26.93
CA PRO D 63 24.35 -17.76 28.26
C PRO D 63 24.39 -16.45 29.02
N GLY D 64 23.20 -15.99 29.43
CA GLY D 64 23.08 -14.74 30.14
C GLY D 64 22.69 -13.54 29.28
N LYS D 65 22.58 -13.72 27.97
CA LYS D 65 22.20 -12.65 27.06
C LYS D 65 21.16 -13.16 26.08
N GLY D 66 20.56 -12.24 25.33
CA GLY D 66 19.54 -12.56 24.36
C GLY D 66 20.13 -12.92 23.01
N LEU D 67 19.24 -12.95 22.01
CA LEU D 67 19.64 -13.29 20.66
C LEU D 67 20.37 -12.12 20.01
N GLU D 68 21.45 -12.43 19.29
CA GLU D 68 22.26 -11.42 18.62
C GLU D 68 22.46 -11.85 17.16
N TRP D 69 22.18 -10.93 16.24
CA TRP D 69 22.36 -11.22 14.83
C TRP D 69 23.84 -11.19 14.46
N VAL D 70 24.25 -12.17 13.66
CA VAL D 70 25.65 -12.31 13.25
C VAL D 70 25.84 -12.03 11.77
N SER D 71 25.12 -12.75 10.91
CA SER D 71 25.32 -12.63 9.47
C SER D 71 23.99 -12.75 8.75
N ASP D 72 23.95 -12.18 7.54
CA ASP D 72 22.77 -12.21 6.68
C ASP D 72 23.22 -12.38 5.24
N ILE D 73 22.53 -13.24 4.50
CA ILE D 73 22.81 -13.46 3.08
C ILE D 73 21.49 -13.58 2.33
N SER D 74 21.44 -12.98 1.15
CA SER D 74 20.22 -12.93 0.36
C SER D 74 20.04 -14.25 -0.41
N GLN D 75 19.10 -14.27 -1.34
CA GLN D 75 18.82 -15.48 -2.11
C GLN D 75 19.95 -15.81 -3.06
N SER D 76 20.31 -14.85 -3.92
CA SER D 76 21.37 -15.06 -4.90
C SER D 76 22.76 -15.01 -4.30
N GLY D 77 22.89 -14.73 -3.01
CA GLY D 77 24.19 -14.67 -2.37
C GLY D 77 24.98 -13.41 -2.63
N ALA D 78 24.42 -12.44 -3.36
CA ALA D 78 25.15 -11.20 -3.63
C ALA D 78 25.18 -10.30 -2.41
N SER D 79 24.01 -10.01 -1.84
CA SER D 79 23.92 -9.15 -0.66
C SER D 79 24.31 -9.96 0.57
N ILE D 80 25.51 -9.68 1.11
CA ILE D 80 26.02 -10.35 2.30
C ILE D 80 26.41 -9.28 3.31
N SER D 81 25.95 -9.44 4.55
CA SER D 81 26.23 -8.48 5.60
C SER D 81 26.63 -9.20 6.88
N TYR D 82 27.52 -8.58 7.64
CA TYR D 82 27.97 -9.11 8.91
C TYR D 82 27.88 -8.02 9.98
N THR D 83 27.89 -8.44 11.24
CA THR D 83 27.91 -7.49 12.34
C THR D 83 29.34 -7.05 12.63
N GLY D 84 29.46 -5.87 13.23
CA GLY D 84 30.76 -5.29 13.52
C GLY D 84 31.58 -6.03 14.55
N SER D 85 30.97 -6.94 15.31
CA SER D 85 31.70 -7.66 16.34
C SER D 85 32.56 -8.78 15.78
N VAL D 86 32.12 -9.42 14.69
CA VAL D 86 32.85 -10.54 14.11
C VAL D 86 33.10 -10.28 12.64
N LYS D 87 33.10 -9.01 12.24
CA LYS D 87 33.30 -8.66 10.84
C LYS D 87 34.73 -8.94 10.42
N GLY D 88 34.89 -9.64 9.30
CA GLY D 88 36.19 -9.94 8.74
C GLY D 88 36.69 -11.35 9.00
N ARG D 89 36.09 -12.06 9.96
CA ARG D 89 36.53 -13.41 10.32
C ARG D 89 35.58 -14.49 9.83
N PHE D 90 34.27 -14.27 9.88
CA PHE D 90 33.31 -15.28 9.46
C PHE D 90 32.99 -15.10 7.98
N THR D 91 32.81 -16.23 7.29
CA THR D 91 32.49 -16.23 5.87
C THR D 91 31.32 -17.17 5.62
N ILE D 92 30.21 -16.63 5.12
CA ILE D 92 29.00 -17.40 4.86
C ILE D 92 28.87 -17.61 3.36
N SER D 93 28.36 -18.78 2.98
CA SER D 93 28.22 -19.12 1.57
C SER D 93 27.04 -20.07 1.39
N ARG D 94 26.51 -20.11 0.17
CA ARG D 94 25.37 -20.94 -0.17
C ARG D 94 25.76 -22.00 -1.19
N ASP D 95 24.94 -23.05 -1.26
CA ASP D 95 25.13 -24.13 -2.23
C ASP D 95 23.74 -24.56 -2.69
N ASN D 96 23.33 -24.07 -3.85
CA ASN D 96 22.01 -24.39 -4.38
C ASN D 96 21.93 -25.77 -5.00
N ALA D 97 23.07 -26.37 -5.34
CA ALA D 97 23.06 -27.71 -5.90
C ALA D 97 22.60 -28.75 -4.88
N LYS D 98 22.86 -28.50 -3.59
CA LYS D 98 22.42 -29.39 -2.52
C LYS D 98 21.60 -28.67 -1.46
N ASN D 99 21.30 -27.39 -1.63
CA ASN D 99 20.54 -26.59 -0.67
C ASN D 99 21.20 -26.61 0.71
N THR D 100 22.42 -26.08 0.75
CA THR D 100 23.21 -26.08 1.97
C THR D 100 23.72 -24.66 2.25
N LEU D 101 23.89 -24.36 3.53
CA LEU D 101 24.42 -23.07 3.98
C LEU D 101 25.67 -23.33 4.80
N TYR D 102 26.81 -22.87 4.29
CA TYR D 102 28.10 -23.09 4.93
C TYR D 102 28.57 -21.83 5.62
N LEU D 103 29.22 -22.00 6.78
CA LEU D 103 29.76 -20.89 7.55
C LEU D 103 31.14 -21.27 8.06
N GLN D 104 32.18 -20.62 7.53
CA GLN D 104 33.55 -20.82 7.97
C GLN D 104 33.89 -19.77 9.01
N MET D 105 34.30 -20.22 10.19
CA MET D 105 34.63 -19.34 11.31
C MET D 105 36.12 -19.47 11.60
N ASN D 106 36.87 -18.39 11.37
CA ASN D 106 38.30 -18.36 11.59
C ASN D 106 38.64 -17.42 12.74
N SER D 107 39.70 -17.76 13.47
CA SER D 107 40.19 -16.96 14.59
C SER D 107 39.09 -16.76 15.64
N LEU D 108 38.66 -17.89 16.22
CA LEU D 108 37.61 -17.85 17.23
C LEU D 108 38.15 -17.29 18.54
N LYS D 109 37.40 -16.34 19.11
CA LYS D 109 37.75 -15.74 20.39
C LYS D 109 37.15 -16.54 21.54
N PRO D 110 37.72 -16.44 22.74
CA PRO D 110 37.16 -17.16 23.89
C PRO D 110 35.74 -16.73 24.25
N GLU D 111 35.27 -15.60 23.75
CA GLU D 111 33.92 -15.11 24.01
C GLU D 111 32.92 -15.57 22.96
N ASP D 112 33.26 -16.59 22.17
CA ASP D 112 32.39 -17.10 21.12
C ASP D 112 31.64 -18.36 21.54
N THR D 113 31.71 -18.73 22.81
CA THR D 113 31.00 -19.91 23.32
C THR D 113 29.52 -19.60 23.36
N ALA D 114 28.78 -20.07 22.35
CA ALA D 114 27.36 -19.74 22.23
C ALA D 114 26.68 -20.76 21.33
N VAL D 115 25.36 -20.68 21.27
CA VAL D 115 24.55 -21.54 20.42
C VAL D 115 24.17 -20.75 19.18
N TYR D 116 24.54 -21.25 18.01
CA TYR D 116 24.25 -20.59 16.75
C TYR D 116 22.98 -21.16 16.14
N TYR D 117 22.15 -20.27 15.61
CA TYR D 117 20.88 -20.63 14.99
C TYR D 117 20.81 -20.05 13.59
N CYS D 118 20.05 -20.73 12.73
CA CYS D 118 19.83 -20.30 11.35
C CYS D 118 18.35 -19.97 11.16
N ALA D 119 18.07 -18.76 10.69
CA ALA D 119 16.72 -18.29 10.48
C ALA D 119 16.48 -18.04 9.00
N ARG D 120 15.23 -18.18 8.58
CA ARG D 120 14.81 -17.98 7.20
C ARG D 120 13.71 -16.93 7.15
N CYS D 121 13.75 -16.10 6.10
CA CYS D 121 12.79 -15.01 5.99
C CYS D 121 11.38 -15.58 5.76
N PRO D 122 10.35 -14.98 6.38
CA PRO D 122 8.99 -15.50 6.22
C PRO D 122 8.45 -15.35 4.81
N ALA D 123 8.59 -14.16 4.23
CA ALA D 123 8.00 -13.98 2.90
C ALA D 123 9.06 -14.10 1.82
N PRO D 124 8.76 -14.84 0.75
CA PRO D 124 9.73 -14.97 -0.35
C PRO D 124 9.79 -13.72 -1.21
N PHE D 125 10.94 -13.54 -1.85
CA PHE D 125 11.20 -12.42 -2.76
C PHE D 125 11.02 -11.07 -2.06
N THR D 126 11.28 -11.04 -0.75
CA THR D 126 11.15 -9.82 0.04
C THR D 126 12.47 -9.52 0.73
N ARG D 127 12.69 -8.25 1.04
CA ARG D 127 13.91 -7.79 1.69
C ARG D 127 13.73 -7.56 3.20
N ASP D 128 12.54 -7.82 3.73
CA ASP D 128 12.30 -7.63 5.15
C ASP D 128 13.10 -8.63 5.97
N CYS D 129 13.44 -8.23 7.20
CA CYS D 129 14.22 -9.04 8.12
C CYS D 129 13.59 -9.03 9.50
N PHE D 130 12.28 -9.24 9.55
CA PHE D 130 11.53 -9.21 10.80
C PHE D 130 11.55 -10.59 11.47
N ASP D 131 11.41 -10.58 12.79
CA ASP D 131 11.30 -11.79 13.61
C ASP D 131 12.52 -12.70 13.49
N VAL D 132 13.68 -12.14 13.12
CA VAL D 132 14.89 -12.95 13.06
C VAL D 132 15.55 -13.07 14.43
N THR D 133 15.22 -12.19 15.37
CA THR D 133 15.76 -12.24 16.72
C THR D 133 14.68 -12.52 17.76
N SER D 134 13.56 -13.11 17.34
CA SER D 134 12.48 -13.43 18.26
C SER D 134 12.74 -14.75 18.97
N THR D 135 12.26 -14.84 20.21
CA THR D 135 12.49 -16.05 21.00
C THR D 135 11.73 -17.24 20.42
N THR D 136 10.49 -17.03 19.99
CA THR D 136 9.65 -18.08 19.41
C THR D 136 9.60 -17.88 17.90
N TYR D 137 10.25 -18.77 17.15
CA TYR D 137 10.27 -18.69 15.70
C TYR D 137 10.26 -20.11 15.14
N ALA D 138 9.29 -20.39 14.28
CA ALA D 138 9.13 -21.75 13.75
C ALA D 138 10.18 -22.07 12.70
N TYR D 139 10.52 -21.11 11.85
CA TYR D 139 11.47 -21.34 10.76
C TYR D 139 12.91 -21.13 11.24
N ARG D 140 13.30 -21.94 12.23
CA ARG D 140 14.62 -21.85 12.82
C ARG D 140 15.00 -23.23 13.36
N GLY D 141 16.25 -23.61 13.14
CA GLY D 141 16.74 -24.90 13.58
C GLY D 141 16.97 -24.93 15.08
N GLN D 142 17.62 -26.01 15.51
CA GLN D 142 17.92 -26.23 16.92
C GLN D 142 19.22 -25.55 17.37
N GLY D 143 20.05 -25.13 16.43
CA GLY D 143 21.30 -24.47 16.77
C GLY D 143 22.38 -25.45 17.18
N THR D 144 23.62 -25.01 17.06
CA THR D 144 24.79 -25.81 17.41
C THR D 144 25.65 -25.05 18.41
N GLN D 145 26.21 -25.78 19.38
CA GLN D 145 27.04 -25.19 20.42
C GLN D 145 28.47 -25.04 19.93
N VAL D 146 29.07 -23.88 20.18
CA VAL D 146 30.45 -23.60 19.83
C VAL D 146 31.16 -23.11 21.08
N THR D 147 32.23 -23.80 21.47
CA THR D 147 32.99 -23.44 22.66
C THR D 147 34.47 -23.31 22.35
N SER E 8 10.63 -26.72 29.19
CA SER E 8 11.26 -27.39 28.06
C SER E 8 10.90 -28.87 28.04
N ILE E 9 11.07 -29.54 29.17
CA ILE E 9 10.76 -30.96 29.24
C ILE E 9 9.25 -31.17 29.26
N ALA E 10 8.52 -30.34 30.00
CA ALA E 10 7.07 -30.48 30.07
C ALA E 10 6.42 -30.20 28.72
N GLN E 11 6.88 -29.16 28.02
CA GLN E 11 6.35 -28.85 26.70
C GLN E 11 6.65 -29.97 25.71
N ALA E 12 7.86 -30.55 25.80
CA ALA E 12 8.20 -31.65 24.92
C ALA E 12 7.33 -32.87 25.19
N ARG E 13 7.10 -33.19 26.46
CA ARG E 13 6.23 -34.31 26.79
C ARG E 13 4.80 -34.07 26.34
N LYS E 14 4.33 -32.83 26.47
CA LYS E 14 2.97 -32.50 26.01
C LYS E 14 2.86 -32.64 24.49
N LEU E 15 3.90 -32.19 23.77
CA LEU E 15 3.89 -32.33 22.31
C LEU E 15 3.93 -33.80 21.90
N VAL E 16 4.72 -34.61 22.60
CA VAL E 16 4.79 -36.03 22.29
C VAL E 16 3.44 -36.70 22.55
N GLU E 17 2.79 -36.35 23.65
CA GLU E 17 1.47 -36.92 23.95
C GLU E 17 0.45 -36.48 22.90
N GLN E 18 0.52 -35.22 22.47
CA GLN E 18 -0.40 -34.75 21.44
C GLN E 18 -0.19 -35.49 20.13
N LEU E 19 1.08 -35.70 19.74
CA LEU E 19 1.36 -36.44 18.52
C LEU E 19 0.90 -37.89 18.62
N LYS E 20 1.08 -38.51 19.79
CA LYS E 20 0.60 -39.88 19.98
C LYS E 20 -0.92 -39.95 19.91
N MET E 21 -1.61 -38.96 20.45
CA MET E 21 -3.07 -38.96 20.39
C MET E 21 -3.57 -38.71 18.97
N GLU E 22 -2.88 -37.86 18.22
CA GLU E 22 -3.28 -37.57 16.84
C GLU E 22 -2.87 -38.65 15.86
N ALA E 23 -1.91 -39.51 16.23
CA ALA E 23 -1.48 -40.55 15.31
C ALA E 23 -2.51 -41.68 15.23
N ASN E 24 -3.17 -42.00 16.34
CA ASN E 24 -4.13 -43.10 16.39
C ASN E 24 -5.50 -42.60 15.92
N ILE E 25 -5.57 -42.32 14.62
CA ILE E 25 -6.80 -41.87 13.98
C ILE E 25 -7.05 -42.72 12.74
N ASP E 26 -8.30 -42.69 12.27
CA ASP E 26 -8.70 -43.45 11.10
C ASP E 26 -8.50 -42.61 9.85
N ARG E 27 -7.87 -43.20 8.83
CA ARG E 27 -7.61 -42.53 7.58
C ARG E 27 -8.05 -43.42 6.42
N ILE E 28 -8.33 -42.79 5.29
CA ILE E 28 -8.78 -43.50 4.09
C ILE E 28 -7.83 -43.21 2.94
N LYS E 29 -8.12 -43.77 1.77
CA LYS E 29 -7.28 -43.56 0.60
C LYS E 29 -7.60 -42.23 -0.06
N VAL E 30 -6.64 -41.73 -0.85
CA VAL E 30 -6.81 -40.45 -1.51
C VAL E 30 -7.80 -40.57 -2.67
N SER E 31 -7.85 -41.74 -3.32
CA SER E 31 -8.75 -41.93 -4.45
C SER E 31 -10.20 -41.83 -4.04
N LYS E 32 -10.56 -42.43 -2.90
CA LYS E 32 -11.94 -42.37 -2.43
C LYS E 32 -12.35 -40.94 -2.08
N ALA E 33 -11.45 -40.20 -1.42
CA ALA E 33 -11.75 -38.81 -1.08
C ALA E 33 -11.90 -37.97 -2.34
N ALA E 34 -11.03 -38.18 -3.34
CA ALA E 34 -11.14 -37.44 -4.58
C ALA E 34 -12.45 -37.76 -5.29
N ALA E 35 -12.85 -39.03 -5.30
CA ALA E 35 -14.11 -39.41 -5.93
C ALA E 35 -15.30 -38.79 -5.21
N ASP E 36 -15.27 -38.78 -3.88
CA ASP E 36 -16.35 -38.16 -3.12
C ASP E 36 -16.43 -36.67 -3.38
N LEU E 37 -15.28 -36.00 -3.44
CA LEU E 37 -15.28 -34.56 -3.73
C LEU E 37 -15.80 -34.29 -5.13
N MET E 38 -15.41 -35.11 -6.11
CA MET E 38 -15.90 -34.93 -7.47
C MET E 38 -17.40 -35.15 -7.54
N ALA E 39 -17.90 -36.16 -6.84
CA ALA E 39 -19.35 -36.41 -6.82
C ALA E 39 -20.10 -35.26 -6.16
N TYR E 40 -19.55 -34.71 -5.08
CA TYR E 40 -20.20 -33.58 -4.41
C TYR E 40 -20.19 -32.34 -5.30
N CYS E 41 -19.11 -32.13 -6.05
CA CYS E 41 -19.04 -30.97 -6.95
C CYS E 41 -19.98 -31.13 -8.12
N GLU E 42 -20.13 -32.35 -8.65
CA GLU E 42 -21.02 -32.57 -9.78
C GLU E 42 -22.49 -32.60 -9.37
N ALA E 43 -22.78 -32.95 -8.11
CA ALA E 43 -24.17 -33.00 -7.66
C ALA E 43 -24.75 -31.60 -7.47
N HIS E 44 -23.92 -30.63 -7.11
CA HIS E 44 -24.37 -29.26 -6.88
C HIS E 44 -23.86 -28.30 -7.94
N ALA E 45 -23.44 -28.81 -9.10
CA ALA E 45 -22.93 -27.94 -10.16
C ALA E 45 -24.03 -27.07 -10.74
N LYS E 46 -25.25 -27.60 -10.85
CA LYS E 46 -26.35 -26.81 -11.40
C LYS E 46 -26.83 -25.76 -10.41
N GLU E 47 -26.62 -25.97 -9.12
CA GLU E 47 -27.05 -25.04 -8.09
C GLU E 47 -26.00 -23.97 -7.79
N ASP E 48 -25.04 -23.77 -8.69
CA ASP E 48 -23.99 -22.77 -8.49
C ASP E 48 -24.19 -21.63 -9.47
N PRO E 49 -24.60 -20.45 -9.02
CA PRO E 49 -24.78 -19.32 -9.95
C PRO E 49 -23.47 -18.86 -10.59
N LEU E 50 -22.34 -19.08 -9.93
CA LEU E 50 -21.06 -18.68 -10.51
C LEU E 50 -20.64 -19.64 -11.63
N LEU E 51 -20.82 -20.94 -11.41
CA LEU E 51 -20.49 -21.91 -12.45
C LEU E 51 -21.51 -21.89 -13.58
N THR E 52 -22.80 -21.74 -13.24
CA THR E 52 -23.87 -21.68 -14.23
C THR E 52 -24.49 -20.29 -14.21
N PRO E 53 -24.16 -19.42 -15.14
CA PRO E 53 -24.74 -18.07 -15.13
C PRO E 53 -26.23 -18.09 -15.42
N VAL E 54 -26.93 -17.11 -14.86
CA VAL E 54 -28.36 -16.94 -15.04
C VAL E 54 -28.66 -15.56 -15.60
N PRO E 55 -29.74 -15.42 -16.37
CA PRO E 55 -30.08 -14.10 -16.95
C PRO E 55 -30.52 -13.13 -15.87
N ALA E 56 -30.79 -11.89 -16.32
CA ALA E 56 -31.20 -10.83 -15.41
C ALA E 56 -32.60 -11.03 -14.84
N SER E 57 -33.38 -11.97 -15.39
CA SER E 57 -34.72 -12.20 -14.88
C SER E 57 -34.70 -12.76 -13.45
N GLU E 58 -33.67 -13.55 -13.13
CA GLU E 58 -33.54 -14.13 -11.80
C GLU E 58 -32.40 -13.54 -10.99
N ASN E 59 -31.47 -12.83 -11.63
CA ASN E 59 -30.34 -12.25 -10.92
C ASN E 59 -30.79 -11.03 -10.13
N PRO E 60 -30.67 -11.03 -8.80
CA PRO E 60 -31.09 -9.85 -8.03
C PRO E 60 -30.16 -8.66 -8.16
N PHE E 61 -28.93 -8.87 -8.64
CA PHE E 61 -27.96 -7.79 -8.81
C PHE E 61 -28.06 -7.12 -10.17
N ARG E 62 -29.20 -7.21 -10.84
CA ARG E 62 -29.39 -6.60 -12.15
C ARG E 62 -29.40 -5.07 -12.04
#